data_2YGU
#
_entry.id   2YGU
#
_cell.length_a   110.211
_cell.length_b   139.160
_cell.length_c   62.093
_cell.angle_alpha   90.00
_cell.angle_beta   90.00
_cell.angle_gamma   90.00
#
_symmetry.space_group_name_H-M   'P 21 21 21'
#
loop_
_entity.id
_entity.type
_entity.pdbx_description
1 polymer 'VENOM ALLERGEN 2'
2 non-polymer HEPTANE
3 water water
#
_entity_poly.entity_id   1
_entity_poly.type   'polypeptide(L)'
_entity_poly.pdbx_seq_one_letter_code
;DNKELKIIRKDVAECLRTLPKCGNQPDDPLARVDVWHCAMAKRGVYDNPDPAVIKERSMKMCTKIITDPANVENCKKVAS
RCVDRETQGPKSNRQKAVNIIGCALRAGVAETTVLARKKHHHHHH
;
_entity_poly.pdbx_strand_id   A,B,C,D,E,F,G,H
#
loop_
_chem_comp.id
_chem_comp.type
_chem_comp.name
_chem_comp.formula
HP6 non-polymer HEPTANE 'C7 H16'
#
# COMPACT_ATOMS: atom_id res chain seq x y z
N ASP A 1 59.97 -0.58 -32.75
CA ASP A 1 59.12 -0.07 -33.86
C ASP A 1 57.73 0.32 -33.37
N ASN A 2 56.92 0.87 -34.26
CA ASN A 2 55.53 1.19 -33.96
C ASN A 2 54.60 -0.03 -33.99
N LYS A 3 54.85 -0.94 -34.93
CA LYS A 3 54.06 -2.17 -35.09
C LYS A 3 54.25 -3.14 -33.92
N GLU A 4 55.50 -3.31 -33.50
CA GLU A 4 55.78 -4.16 -32.35
C GLU A 4 55.16 -3.56 -31.11
N LEU A 5 55.24 -2.24 -31.00
CA LEU A 5 54.72 -1.53 -29.83
C LEU A 5 53.19 -1.66 -29.75
N LYS A 6 52.53 -1.56 -30.91
CA LYS A 6 51.09 -1.81 -30.99
C LYS A 6 50.77 -3.20 -30.44
N ILE A 7 51.58 -4.20 -30.82
CA ILE A 7 51.35 -5.58 -30.40
C ILE A 7 51.56 -5.74 -28.89
N ILE A 8 52.65 -5.20 -28.37
CA ILE A 8 52.96 -5.29 -26.94
C ILE A 8 51.90 -4.61 -26.08
N ARG A 9 51.44 -3.43 -26.51
CA ARG A 9 50.36 -2.73 -25.81
C ARG A 9 49.11 -3.60 -25.66
N LYS A 10 48.74 -4.26 -26.76
CA LYS A 10 47.61 -5.19 -26.76
C LYS A 10 47.85 -6.37 -25.81
N ASP A 11 49.10 -6.84 -25.75
CA ASP A 11 49.48 -7.92 -24.83
C ASP A 11 49.46 -7.50 -23.36
N VAL A 12 49.93 -6.29 -23.08
CA VAL A 12 49.85 -5.74 -21.72
C VAL A 12 48.39 -5.65 -21.26
N ALA A 13 47.54 -5.05 -22.08
CA ALA A 13 46.11 -4.92 -21.76
C ALA A 13 45.46 -6.26 -21.45
N GLU A 14 45.84 -7.28 -22.22
CA GLU A 14 45.27 -8.64 -22.08
C GLU A 14 45.84 -9.35 -20.84
N CYS A 15 47.13 -9.16 -20.59
CA CYS A 15 47.74 -9.65 -19.35
C CYS A 15 47.06 -9.00 -18.14
N LEU A 16 46.88 -7.68 -18.20
CA LEU A 16 46.15 -6.94 -17.16
C LEU A 16 44.83 -7.61 -16.81
N ARG A 17 44.15 -8.07 -17.85
CA ARG A 17 42.82 -8.64 -17.70
C ARG A 17 42.89 -10.05 -17.10
N THR A 18 43.69 -10.92 -17.70
CA THR A 18 43.71 -12.35 -17.33
C THR A 18 44.48 -12.68 -16.04
N LEU A 19 45.44 -11.83 -15.68
CA LEU A 19 46.25 -12.06 -14.47
C LEU A 19 45.42 -11.91 -13.19
N PRO A 20 45.63 -12.82 -12.21
CA PRO A 20 44.88 -12.77 -10.97
C PRO A 20 45.07 -11.45 -10.24
N LYS A 21 43.97 -10.89 -9.72
CA LYS A 21 44.02 -9.69 -8.90
C LYS A 21 44.49 -10.09 -7.50
N CYS A 22 45.71 -9.67 -7.16
CA CYS A 22 46.30 -9.97 -5.86
C CYS A 22 46.50 -8.70 -5.06
N GLY A 23 46.58 -8.86 -3.75
CA GLY A 23 46.63 -7.72 -2.83
C GLY A 23 47.86 -6.88 -3.02
N ASN A 24 47.72 -5.58 -2.76
CA ASN A 24 48.83 -4.62 -2.76
C ASN A 24 49.59 -4.60 -4.09
N GLN A 25 48.88 -4.17 -5.14
CA GLN A 25 49.47 -4.04 -6.46
C GLN A 25 49.23 -2.64 -7.00
N PRO A 26 50.25 -2.06 -7.66
CA PRO A 26 50.09 -0.73 -8.23
C PRO A 26 49.08 -0.73 -9.35
N ASP A 27 48.37 0.37 -9.50
CA ASP A 27 47.41 0.53 -10.61
C ASP A 27 48.12 0.58 -11.96
N ASP A 28 49.36 1.07 -11.94
CA ASP A 28 50.16 1.17 -13.16
C ASP A 28 50.70 -0.20 -13.61
N PRO A 29 50.21 -0.72 -14.74
CA PRO A 29 50.61 -2.06 -15.16
C PRO A 29 52.09 -2.17 -15.46
N LEU A 30 52.71 -1.08 -15.91
CA LEU A 30 54.12 -1.08 -16.25
C LEU A 30 55.00 -1.07 -14.99
N ALA A 31 54.37 -0.91 -13.83
CA ALA A 31 55.07 -1.02 -12.54
C ALA A 31 54.97 -2.43 -11.96
N ARG A 32 54.34 -3.35 -12.71
CA ARG A 32 54.08 -4.71 -12.20
C ARG A 32 54.93 -5.77 -12.87
N VAL A 33 55.61 -6.56 -12.05
CA VAL A 33 56.47 -7.65 -12.55
C VAL A 33 55.66 -8.69 -13.33
N ASP A 34 54.53 -9.08 -12.78
CA ASP A 34 53.72 -10.14 -13.40
C ASP A 34 53.21 -9.71 -14.78
N VAL A 35 52.89 -8.43 -14.95
CA VAL A 35 52.46 -7.91 -16.24
C VAL A 35 53.59 -7.90 -17.25
N TRP A 36 54.74 -7.38 -16.85
CA TRP A 36 55.91 -7.35 -17.76
C TRP A 36 56.29 -8.75 -18.19
N HIS A 37 56.40 -9.66 -17.22
CA HIS A 37 56.74 -11.04 -17.51
C HIS A 37 55.75 -11.71 -18.42
N CYS A 38 54.48 -11.48 -18.12
CA CYS A 38 53.39 -11.99 -18.95
C CYS A 38 53.54 -11.46 -20.39
N ALA A 39 53.76 -10.16 -20.52
CA ALA A 39 53.90 -9.50 -21.82
C ALA A 39 55.10 -10.03 -22.59
N MET A 40 56.25 -10.12 -21.91
CA MET A 40 57.49 -10.58 -22.56
C MET A 40 57.39 -12.06 -22.94
N ALA A 41 56.76 -12.85 -22.08
CA ALA A 41 56.51 -14.27 -22.37
C ALA A 41 55.75 -14.46 -23.70
N LYS A 42 54.74 -13.62 -23.91
CA LYS A 42 53.95 -13.68 -25.14
C LYS A 42 54.74 -13.29 -26.39
N ARG A 43 55.75 -12.43 -26.22
CA ARG A 43 56.65 -12.09 -27.33
C ARG A 43 57.77 -13.12 -27.52
N GLY A 44 57.64 -14.26 -26.83
CA GLY A 44 58.55 -15.40 -27.02
C GLY A 44 59.92 -15.29 -26.37
N VAL A 45 60.15 -14.26 -25.56
CA VAL A 45 61.46 -14.02 -24.97
C VAL A 45 61.94 -15.21 -24.13
N TYR A 46 61.01 -15.95 -23.53
CA TYR A 46 61.35 -17.08 -22.68
C TYR A 46 60.93 -18.43 -23.26
N ASP A 47 60.68 -18.45 -24.57
CA ASP A 47 60.23 -19.67 -25.31
C ASP A 47 61.28 -20.77 -25.36
N ASN A 48 62.49 -20.41 -25.05
CA ASN A 48 63.57 -21.38 -24.91
C ASN A 48 64.35 -21.02 -23.66
N PRO A 49 64.49 -21.96 -22.72
CA PRO A 49 65.09 -21.68 -21.43
C PRO A 49 66.62 -21.55 -21.42
N ASP A 50 67.29 -21.88 -22.51
CA ASP A 50 68.73 -21.67 -22.65
C ASP A 50 69.05 -20.21 -22.31
N PRO A 51 69.87 -19.97 -21.27
CA PRO A 51 70.22 -18.61 -20.88
C PRO A 51 70.78 -17.76 -22.02
N ALA A 52 71.59 -18.34 -22.88
CA ALA A 52 72.19 -17.59 -23.98
C ALA A 52 71.09 -17.05 -24.94
N VAL A 53 70.06 -17.85 -25.13
CA VAL A 53 68.94 -17.49 -26.02
C VAL A 53 68.04 -16.44 -25.40
N ILE A 54 67.73 -16.61 -24.12
CA ILE A 54 66.97 -15.60 -23.37
C ILE A 54 67.68 -14.25 -23.44
N LYS A 55 68.99 -14.27 -23.27
CA LYS A 55 69.82 -13.05 -23.34
C LYS A 55 69.73 -12.40 -24.72
N GLU A 56 69.97 -13.17 -25.78
CA GLU A 56 69.88 -12.64 -27.15
C GLU A 56 68.53 -11.98 -27.38
N ARG A 57 67.45 -12.66 -27.00
CA ARG A 57 66.07 -12.19 -27.26
C ARG A 57 65.70 -10.98 -26.42
N SER A 58 66.18 -10.95 -25.19
CA SER A 58 65.98 -9.80 -24.34
C SER A 58 66.66 -8.56 -24.93
N MET A 59 67.91 -8.71 -25.34
CA MET A 59 68.65 -7.59 -25.91
C MET A 59 67.96 -7.10 -27.18
N LYS A 60 67.41 -8.02 -27.96
CA LYS A 60 66.64 -7.67 -29.16
C LYS A 60 65.41 -6.84 -28.80
N MET A 61 64.75 -7.25 -27.71
CA MET A 61 63.55 -6.57 -27.26
C MET A 61 63.86 -5.11 -26.83
N CYS A 62 65.00 -4.91 -26.18
CA CYS A 62 65.44 -3.56 -25.80
C CYS A 62 65.37 -2.60 -26.99
N THR A 63 65.81 -3.06 -28.18
CA THR A 63 65.84 -2.19 -29.37
C THR A 63 64.43 -1.85 -29.87
N LYS A 64 63.45 -2.70 -29.52
CA LYS A 64 62.07 -2.54 -30.02
C LYS A 64 61.22 -1.60 -29.16
N ILE A 65 61.37 -1.67 -27.84
CA ILE A 65 60.54 -0.89 -26.92
C ILE A 65 61.21 0.36 -26.32
N ILE A 66 62.40 0.69 -26.82
CA ILE A 66 63.16 1.89 -26.39
C ILE A 66 63.79 2.56 -27.62
N THR A 67 63.75 3.88 -27.67
CA THR A 67 64.24 4.64 -28.84
C THR A 67 65.60 5.32 -28.62
N ASP A 68 65.82 5.88 -27.44
CA ASP A 68 67.09 6.55 -27.12
C ASP A 68 68.24 5.54 -27.16
N PRO A 69 69.25 5.77 -28.03
CA PRO A 69 70.35 4.82 -28.12
C PRO A 69 71.10 4.55 -26.81
N ALA A 70 71.28 5.59 -26.00
CA ALA A 70 71.97 5.47 -24.72
C ALA A 70 71.20 4.53 -23.80
N ASN A 71 69.89 4.75 -23.70
CA ASN A 71 68.99 3.90 -22.91
C ASN A 71 68.84 2.50 -23.50
N VAL A 72 68.93 2.39 -24.83
CA VAL A 72 68.91 1.08 -25.46
C VAL A 72 70.11 0.25 -24.99
N GLU A 73 71.28 0.88 -24.94
CA GLU A 73 72.49 0.19 -24.51
C GLU A 73 72.41 -0.17 -23.02
N ASN A 74 71.88 0.73 -22.19
CA ASN A 74 71.72 0.46 -20.76
C ASN A 74 70.82 -0.75 -20.53
N CYS A 75 69.71 -0.80 -21.26
CA CYS A 75 68.78 -1.95 -21.23
C CYS A 75 69.50 -3.24 -21.58
N LYS A 76 70.35 -3.19 -22.59
CA LYS A 76 71.09 -4.38 -23.02
C LYS A 76 72.06 -4.82 -21.94
N LYS A 77 72.78 -3.86 -21.38
CA LYS A 77 73.75 -4.14 -20.30
C LYS A 77 73.03 -4.79 -19.11
N VAL A 78 71.86 -4.26 -18.77
CA VAL A 78 71.07 -4.76 -17.65
C VAL A 78 70.46 -6.14 -17.92
N ALA A 79 69.94 -6.33 -19.12
CA ALA A 79 69.41 -7.65 -19.52
C ALA A 79 70.46 -8.74 -19.36
N SER A 80 71.67 -8.45 -19.83
CA SER A 80 72.77 -9.41 -19.76
C SER A 80 73.09 -9.78 -18.32
N ARG A 81 73.23 -8.75 -17.51
CA ARG A 81 73.53 -8.92 -16.08
C ARG A 81 72.44 -9.72 -15.38
N CYS A 82 71.17 -9.36 -15.63
CA CYS A 82 70.05 -10.05 -14.97
C CYS A 82 69.93 -11.52 -15.38
N VAL A 83 70.11 -11.81 -16.66
CA VAL A 83 70.04 -13.19 -17.14
C VAL A 83 71.17 -14.02 -16.52
N ASP A 84 72.36 -13.45 -16.48
CA ASP A 84 73.53 -14.14 -15.91
C ASP A 84 73.32 -14.51 -14.44
N ARG A 85 72.75 -13.57 -13.68
CA ARG A 85 72.55 -13.74 -12.23
C ARG A 85 71.34 -14.61 -11.89
N GLU A 86 70.22 -14.36 -12.57
CA GLU A 86 68.93 -14.97 -12.19
C GLU A 86 68.63 -16.32 -12.86
N THR A 87 69.43 -16.74 -13.83
CA THR A 87 69.29 -18.11 -14.41
C THR A 87 70.19 -19.13 -13.71
N GLN A 88 71.00 -18.68 -12.76
CA GLN A 88 71.75 -19.62 -11.91
C GLN A 88 70.79 -20.26 -10.88
N GLY A 89 71.19 -21.43 -10.38
CA GLY A 89 70.44 -22.09 -9.31
C GLY A 89 69.37 -23.07 -9.76
N PRO A 90 68.66 -23.66 -8.79
CA PRO A 90 67.73 -24.76 -9.02
C PRO A 90 66.26 -24.37 -9.20
N LYS A 91 65.96 -23.08 -9.18
CA LYS A 91 64.58 -22.63 -9.37
C LYS A 91 64.09 -23.05 -10.76
N SER A 92 62.77 -23.07 -10.93
CA SER A 92 62.15 -23.47 -12.20
C SER A 92 62.41 -22.41 -13.26
N ASN A 93 62.35 -22.83 -14.53
CA ASN A 93 62.53 -21.91 -15.66
C ASN A 93 61.54 -20.74 -15.66
N ARG A 94 60.29 -21.03 -15.36
CA ARG A 94 59.28 -20.00 -15.29
C ARG A 94 59.65 -18.98 -14.21
N GLN A 95 60.01 -19.45 -13.00
CA GLN A 95 60.38 -18.55 -11.89
C GLN A 95 61.65 -17.77 -12.21
N LYS A 96 62.59 -18.40 -12.90
CA LYS A 96 63.82 -17.70 -13.32
C LYS A 96 63.45 -16.55 -14.23
N ALA A 97 62.51 -16.77 -15.13
CA ALA A 97 62.03 -15.72 -16.03
C ALA A 97 61.43 -14.54 -15.26
N VAL A 98 60.57 -14.85 -14.31
CA VAL A 98 59.99 -13.84 -13.45
C VAL A 98 61.05 -13.06 -12.70
N ASN A 99 62.05 -13.77 -12.18
CA ASN A 99 63.16 -13.12 -11.46
C ASN A 99 63.99 -12.18 -12.37
N ILE A 100 64.22 -12.59 -13.61
CA ILE A 100 64.89 -11.76 -14.59
C ILE A 100 64.14 -10.43 -14.75
N ILE A 101 62.84 -10.53 -14.94
CA ILE A 101 61.98 -9.35 -15.10
C ILE A 101 62.05 -8.45 -13.87
N GLY A 102 61.99 -9.07 -12.70
CA GLY A 102 62.07 -8.32 -11.44
C GLY A 102 63.37 -7.57 -11.34
N CYS A 103 64.45 -8.19 -11.81
CA CYS A 103 65.80 -7.61 -11.78
C CYS A 103 65.90 -6.40 -12.72
N ALA A 104 65.28 -6.51 -13.89
CA ALA A 104 65.25 -5.40 -14.85
C ALA A 104 64.37 -4.26 -14.37
N LEU A 105 63.24 -4.60 -13.74
CA LEU A 105 62.31 -3.58 -13.23
C LEU A 105 62.99 -2.78 -12.12
N ARG A 106 63.61 -3.50 -11.21
CA ARG A 106 64.32 -2.88 -10.11
C ARG A 106 65.39 -1.93 -10.61
N ALA A 107 66.05 -2.30 -11.71
CA ALA A 107 67.13 -1.50 -12.31
C ALA A 107 66.66 -0.22 -13.01
N GLY A 108 65.37 -0.12 -13.25
CA GLY A 108 64.80 1.10 -13.83
C GLY A 108 64.49 1.05 -15.32
N VAL A 109 64.74 -0.08 -15.95
CA VAL A 109 64.58 -0.18 -17.39
C VAL A 109 63.17 0.20 -17.84
N ALA A 110 62.15 -0.16 -17.05
CA ALA A 110 60.76 0.08 -17.46
C ALA A 110 60.49 1.55 -17.70
N GLU A 111 61.12 2.40 -16.89
CA GLU A 111 60.94 3.86 -16.99
C GLU A 111 61.40 4.44 -18.32
N THR A 112 62.41 3.80 -18.91
CA THR A 112 63.01 4.27 -20.16
C THR A 112 62.30 3.78 -21.42
N THR A 113 61.28 2.95 -21.25
CA THR A 113 60.58 2.39 -22.41
C THR A 113 59.58 3.39 -22.99
N VAL A 114 59.21 3.19 -24.25
CA VAL A 114 58.24 4.06 -24.92
C VAL A 114 56.85 3.86 -24.35
N LEU A 115 56.58 2.66 -23.84
CA LEU A 115 55.30 2.35 -23.22
C LEU A 115 55.03 3.24 -22.01
N ALA A 116 56.09 3.53 -21.27
CA ALA A 116 56.01 4.34 -20.06
C ALA A 116 55.94 5.83 -20.39
N ARG A 117 56.40 6.23 -21.57
CA ARG A 117 56.16 7.60 -22.08
N ASP B 1 71.08 6.12 8.09
CA ASP B 1 71.93 5.84 9.29
C ASP B 1 71.98 4.34 9.55
N ASN B 2 73.08 3.86 10.13
CA ASN B 2 73.28 2.43 10.38
C ASN B 2 72.26 1.81 11.35
N LYS B 3 71.61 2.64 12.17
CA LYS B 3 70.54 2.20 13.07
C LYS B 3 69.24 1.91 12.32
N GLU B 4 68.90 2.80 11.37
CA GLU B 4 67.65 2.69 10.59
C GLU B 4 67.70 1.59 9.53
N LEU B 5 68.88 1.32 8.97
CA LEU B 5 68.99 0.24 7.99
C LEU B 5 68.74 -1.11 8.67
N LYS B 6 69.31 -1.29 9.86
CA LYS B 6 69.05 -2.50 10.66
C LYS B 6 67.54 -2.66 10.87
N ILE B 7 66.87 -1.55 11.18
CA ILE B 7 65.42 -1.58 11.46
C ILE B 7 64.63 -1.94 10.21
N ILE B 8 64.95 -1.28 9.09
CA ILE B 8 64.26 -1.52 7.82
C ILE B 8 64.43 -2.96 7.33
N ARG B 9 65.64 -3.49 7.43
CA ARG B 9 65.90 -4.90 7.10
C ARG B 9 64.99 -5.86 7.86
N LYS B 10 64.87 -5.62 9.16
CA LYS B 10 63.98 -6.40 10.03
C LYS B 10 62.53 -6.26 9.58
N ASP B 11 62.14 -5.06 9.15
CA ASP B 11 60.77 -4.82 8.65
C ASP B 11 60.51 -5.49 7.28
N VAL B 12 61.50 -5.47 6.39
CA VAL B 12 61.38 -6.18 5.12
C VAL B 12 61.19 -7.68 5.38
N ALA B 13 62.05 -8.27 6.19
CA ALA B 13 61.95 -9.69 6.52
C ALA B 13 60.57 -10.08 7.05
N GLU B 14 60.01 -9.21 7.89
CA GLU B 14 58.72 -9.44 8.53
C GLU B 14 57.56 -9.25 7.54
N CYS B 15 57.68 -8.23 6.69
CA CYS B 15 56.73 -8.04 5.59
C CYS B 15 56.74 -9.25 4.67
N LEU B 16 57.94 -9.71 4.29
CA LEU B 16 58.10 -10.93 3.51
C LEU B 16 57.29 -12.09 4.06
N ARG B 17 57.30 -12.19 5.39
CA ARG B 17 56.65 -13.30 6.07
C ARG B 17 55.13 -13.13 6.07
N THR B 18 54.65 -11.99 6.54
CA THR B 18 53.21 -11.76 6.76
C THR B 18 52.40 -11.51 5.49
N LEU B 19 53.04 -10.98 4.44
CA LEU B 19 52.35 -10.65 3.19
C LEU B 19 51.88 -11.90 2.46
N PRO B 20 50.64 -11.87 1.92
CA PRO B 20 50.09 -13.03 1.21
C PRO B 20 50.96 -13.45 0.05
N LYS B 21 51.20 -14.75 -0.05
CA LYS B 21 51.84 -15.30 -1.23
C LYS B 21 50.83 -15.16 -2.35
N CYS B 22 51.23 -14.46 -3.40
CA CYS B 22 50.43 -14.36 -4.61
C CYS B 22 51.23 -14.80 -5.83
N GLY B 23 50.51 -15.20 -6.87
CA GLY B 23 51.13 -15.76 -8.06
C GLY B 23 52.06 -14.79 -8.77
N ASN B 24 53.10 -15.32 -9.40
CA ASN B 24 54.00 -14.55 -10.25
C ASN B 24 54.63 -13.39 -9.52
N GLN B 25 55.45 -13.74 -8.53
CA GLN B 25 56.18 -12.72 -7.76
C GLN B 25 57.66 -13.07 -7.73
N PRO B 26 58.52 -12.04 -7.87
CA PRO B 26 59.94 -12.29 -7.83
C PRO B 26 60.39 -12.78 -6.46
N ASP B 27 61.41 -13.62 -6.43
CA ASP B 27 61.99 -14.08 -5.18
C ASP B 27 62.67 -12.94 -4.41
N ASP B 28 63.16 -11.96 -5.16
CA ASP B 28 63.83 -10.81 -4.56
C ASP B 28 62.83 -9.82 -3.93
N PRO B 29 62.84 -9.71 -2.59
CA PRO B 29 61.85 -8.87 -1.93
C PRO B 29 61.95 -7.42 -2.30
N LEU B 30 63.15 -6.96 -2.61
CA LEU B 30 63.38 -5.56 -2.98
C LEU B 30 62.89 -5.26 -4.40
N ALA B 31 62.47 -6.29 -5.10
CA ALA B 31 61.84 -6.13 -6.43
C ALA B 31 60.33 -6.11 -6.32
N ARG B 32 59.79 -6.16 -5.10
CA ARG B 32 58.34 -6.27 -4.89
C ARG B 32 57.74 -5.00 -4.34
N VAL B 33 56.69 -4.51 -5.00
CA VAL B 33 56.00 -3.29 -4.57
C VAL B 33 55.37 -3.46 -3.20
N ASP B 34 54.70 -4.60 -2.99
CA ASP B 34 53.99 -4.83 -1.74
C ASP B 34 54.96 -4.87 -0.54
N VAL B 35 56.16 -5.40 -0.74
CA VAL B 35 57.18 -5.42 0.32
C VAL B 35 57.70 -4.03 0.64
N TRP B 36 58.02 -3.27 -0.40
CA TRP B 36 58.51 -1.89 -0.19
C TRP B 36 57.47 -1.04 0.51
N HIS B 37 56.23 -1.10 0.01
CA HIS B 37 55.14 -0.34 0.61
C HIS B 37 54.91 -0.74 2.04
N CYS B 38 54.90 -2.04 2.28
CA CYS B 38 54.76 -2.58 3.62
C CYS B 38 55.86 -2.03 4.53
N ALA B 39 57.10 -2.10 4.05
CA ALA B 39 58.28 -1.64 4.79
C ALA B 39 58.21 -0.14 5.08
N MET B 40 57.88 0.65 4.06
CA MET B 40 57.82 2.11 4.21
C MET B 40 56.65 2.53 5.10
N ALA B 41 55.53 1.82 5.00
CA ALA B 41 54.37 2.05 5.87
C ALA B 41 54.75 1.92 7.35
N LYS B 42 55.54 0.90 7.67
CA LYS B 42 56.00 0.67 9.04
C LYS B 42 56.93 1.76 9.55
N ARG B 43 57.67 2.40 8.65
CA ARG B 43 58.52 3.54 9.03
C ARG B 43 57.72 4.86 9.06
N GLY B 44 56.40 4.76 8.99
CA GLY B 44 55.52 5.91 9.17
C GLY B 44 55.39 6.85 7.99
N VAL B 45 55.99 6.50 6.85
CA VAL B 45 56.00 7.40 5.70
C VAL B 45 54.59 7.81 5.26
N TYR B 46 53.62 6.91 5.44
CA TYR B 46 52.23 7.17 5.02
C TYR B 46 51.24 7.33 6.18
N ASP B 47 51.70 7.47 7.42
CA ASP B 47 50.82 7.67 8.60
C ASP B 47 49.94 8.92 8.53
N ASN B 48 50.34 9.87 7.71
CA ASN B 48 49.51 11.03 7.46
C ASN B 48 49.32 11.17 5.95
N PRO B 49 48.06 11.17 5.49
CA PRO B 49 47.76 11.15 4.05
C PRO B 49 47.93 12.48 3.31
N ASP B 50 48.15 13.56 4.05
CA ASP B 50 48.51 14.84 3.42
C ASP B 50 49.69 14.66 2.45
N PRO B 51 49.49 14.95 1.16
CA PRO B 51 50.56 14.79 0.18
C PRO B 51 51.86 15.49 0.53
N ALA B 52 51.76 16.70 1.07
CA ALA B 52 52.95 17.47 1.45
C ALA B 52 53.79 16.75 2.50
N VAL B 53 53.11 16.07 3.43
CA VAL B 53 53.76 15.33 4.52
C VAL B 53 54.39 14.04 3.99
N ILE B 54 53.64 13.32 3.16
CA ILE B 54 54.17 12.11 2.52
C ILE B 54 55.46 12.44 1.77
N LYS B 55 55.43 13.56 1.05
CA LYS B 55 56.59 14.02 0.28
C LYS B 55 57.78 14.32 1.20
N GLU B 56 57.55 15.10 2.26
CA GLU B 56 58.58 15.38 3.29
C GLU B 56 59.25 14.11 3.75
N ARG B 57 58.42 13.18 4.18
CA ARG B 57 58.89 11.96 4.82
C ARG B 57 59.60 11.03 3.85
N SER B 58 59.09 10.97 2.62
CA SER B 58 59.75 10.19 1.58
C SER B 58 61.15 10.72 1.30
N MET B 59 61.26 12.03 1.12
CA MET B 59 62.56 12.65 0.86
C MET B 59 63.53 12.39 2.00
N LYS B 60 63.02 12.41 3.23
CA LYS B 60 63.82 12.11 4.43
C LYS B 60 64.33 10.67 4.38
N MET B 61 63.46 9.77 3.93
CA MET B 61 63.81 8.36 3.83
C MET B 61 64.94 8.13 2.82
N CYS B 62 64.89 8.85 1.70
CA CYS B 62 65.96 8.78 0.69
C CYS B 62 67.34 8.94 1.34
N THR B 63 67.48 9.89 2.26
CA THR B 63 68.78 10.16 2.91
C THR B 63 69.22 9.01 3.81
N LYS B 64 68.26 8.21 4.29
CA LYS B 64 68.55 7.13 5.23
N ILE B 65 68.32 5.46 3.46
CA ILE B 65 68.58 4.17 2.78
C ILE B 65 69.48 4.25 1.52
N ILE B 66 70.05 5.43 1.27
CA ILE B 66 70.98 5.66 0.15
C ILE B 66 72.15 6.52 0.62
N THR B 67 73.36 6.18 0.19
CA THR B 67 74.59 6.90 0.63
C THR B 67 75.17 7.87 -0.41
N ASP B 68 75.15 7.49 -1.67
CA ASP B 68 75.69 8.34 -2.74
C ASP B 68 74.86 9.62 -2.85
N PRO B 69 75.50 10.79 -2.67
CA PRO B 69 74.75 12.04 -2.73
C PRO B 69 73.97 12.27 -4.04
N ALA B 70 74.56 11.87 -5.17
CA ALA B 70 73.93 12.03 -6.47
C ALA B 70 72.63 11.23 -6.54
N ASN B 71 72.72 9.97 -6.11
CA ASN B 71 71.56 9.08 -6.03
C ASN B 71 70.55 9.50 -4.96
N VAL B 72 71.04 10.10 -3.88
CA VAL B 72 70.16 10.64 -2.86
C VAL B 72 69.27 11.73 -3.48
N GLU B 73 69.87 12.61 -4.27
CA GLU B 73 69.12 13.69 -4.91
C GLU B 73 68.14 13.14 -5.96
N ASN B 74 68.56 12.14 -6.73
CA ASN B 74 67.68 11.52 -7.71
C ASN B 74 66.43 10.91 -7.05
N CYS B 75 66.66 10.19 -5.95
CA CYS B 75 65.57 9.64 -5.14
C CYS B 75 64.59 10.71 -4.67
N LYS B 76 65.13 11.85 -4.24
CA LYS B 76 64.31 12.97 -3.78
C LYS B 76 63.47 13.53 -4.93
N LYS B 77 64.12 13.74 -6.07
CA LYS B 77 63.45 14.26 -7.26
C LYS B 77 62.32 13.32 -7.69
N VAL B 78 62.57 12.01 -7.64
CA VAL B 78 61.58 11.01 -8.01
C VAL B 78 60.44 10.90 -6.99
N ALA B 79 60.77 10.95 -5.71
CA ALA B 79 59.74 10.91 -4.66
C ALA B 79 58.74 12.06 -4.85
N SER B 80 59.27 13.25 -5.12
CA SER B 80 58.44 14.44 -5.31
C SER B 80 57.49 14.26 -6.49
N ARG B 81 58.07 13.84 -7.60
CA ARG B 81 57.31 13.60 -8.82
C ARG B 81 56.21 12.55 -8.59
N CYS B 82 56.56 11.43 -7.97
CA CYS B 82 55.61 10.33 -7.76
C CYS B 82 54.48 10.73 -6.82
N VAL B 83 54.79 11.44 -5.74
CA VAL B 83 53.76 11.91 -4.81
C VAL B 83 52.80 12.87 -5.50
N ASP B 84 53.36 13.79 -6.28
CA ASP B 84 52.54 14.78 -7.02
C ASP B 84 51.55 14.13 -7.96
N ARG B 85 51.99 13.08 -8.65
CA ARG B 85 51.16 12.43 -9.65
C ARG B 85 50.16 11.44 -9.01
N GLU B 86 50.69 10.58 -8.16
CA GLU B 86 49.93 9.45 -7.68
C GLU B 86 49.01 9.76 -6.49
N THR B 87 49.10 10.94 -5.91
CA THR B 87 48.11 11.36 -4.86
C THR B 87 46.93 12.14 -5.44
N GLN B 88 46.95 12.41 -6.75
CA GLN B 88 45.78 12.97 -7.43
C GLN B 88 44.70 11.89 -7.59
N GLY B 89 43.45 12.32 -7.73
CA GLY B 89 42.35 11.41 -8.04
C GLY B 89 41.62 10.85 -6.83
N PRO B 90 40.62 9.99 -7.08
CA PRO B 90 39.69 9.52 -6.07
C PRO B 90 40.03 8.17 -5.43
N LYS B 91 41.18 7.59 -5.78
CA LYS B 91 41.59 6.33 -5.18
C LYS B 91 41.79 6.51 -3.67
N SER B 92 41.78 5.39 -2.94
CA SER B 92 41.95 5.43 -1.49
C SER B 92 43.38 5.80 -1.13
N ASN B 93 43.57 6.32 0.08
CA ASN B 93 44.90 6.70 0.58
C ASN B 93 45.89 5.53 0.56
N ARG B 94 45.47 4.35 1.04
CA ARG B 94 46.33 3.18 1.00
C ARG B 94 46.76 2.82 -0.42
N GLN B 95 45.82 2.84 -1.38
CA GLN B 95 46.14 2.55 -2.79
C GLN B 95 47.04 3.63 -3.40
N LYS B 96 46.83 4.88 -3.00
CA LYS B 96 47.70 5.96 -3.46
C LYS B 96 49.13 5.72 -3.01
N ALA B 97 49.28 5.27 -1.76
CA ALA B 97 50.59 4.93 -1.20
C ALA B 97 51.27 3.82 -2.01
N VAL B 98 50.52 2.76 -2.29
CA VAL B 98 51.02 1.66 -3.11
C VAL B 98 51.44 2.15 -4.49
N ASN B 99 50.63 3.03 -5.07
CA ASN B 99 50.96 3.57 -6.40
C ASN B 99 52.25 4.43 -6.38
N ILE B 100 52.43 5.21 -5.32
CA ILE B 100 53.65 6.00 -5.13
C ILE B 100 54.87 5.07 -5.17
N ILE B 101 54.80 3.99 -4.40
CA ILE B 101 55.87 3.01 -4.31
C ILE B 101 56.14 2.38 -5.68
N GLY B 102 55.08 2.02 -6.37
CA GLY B 102 55.21 1.45 -7.71
C GLY B 102 55.89 2.41 -8.66
N CYS B 103 55.59 3.69 -8.52
CA CYS B 103 56.18 4.74 -9.36
C CYS B 103 57.69 4.88 -9.10
N ALA B 104 58.07 4.81 -7.84
CA ALA B 104 59.47 4.89 -7.46
C ALA B 104 60.23 3.65 -7.88
N LEU B 105 59.60 2.48 -7.76
CA LEU B 105 60.25 1.23 -8.14
C LEU B 105 60.51 1.21 -9.65
N ARG B 106 59.49 1.60 -10.39
CA ARG B 106 59.60 1.66 -11.83
C ARG B 106 60.72 2.59 -12.27
N ALA B 107 60.91 3.68 -11.52
CA ALA B 107 61.96 4.70 -11.81
C ALA B 107 63.38 4.23 -11.50
N GLY B 108 63.52 3.13 -10.77
CA GLY B 108 64.83 2.55 -10.51
C GLY B 108 65.43 2.85 -9.15
N VAL B 109 64.71 3.57 -8.32
CA VAL B 109 65.24 4.00 -7.03
C VAL B 109 65.70 2.83 -6.16
N ALA B 110 64.99 1.71 -6.24
CA ALA B 110 65.30 0.56 -5.37
C ALA B 110 66.71 0.04 -5.61
N GLU B 111 67.15 0.10 -6.86
CA GLU B 111 68.49 -0.37 -7.25
C GLU B 111 69.62 0.42 -6.58
N THR B 112 69.36 1.69 -6.30
CA THR B 112 70.37 2.60 -5.74
C THR B 112 70.45 2.55 -4.22
N THR B 113 69.58 1.78 -3.58
CA THR B 113 69.56 1.73 -2.12
C THR B 113 70.64 0.81 -1.58
N VAL B 114 70.98 1.00 -0.32
CA VAL B 114 72.01 0.19 0.33
C VAL B 114 71.51 -1.23 0.56
N LEU B 115 70.20 -1.37 0.71
CA LEU B 115 69.58 -2.69 0.90
C LEU B 115 69.84 -3.59 -0.30
N ALA B 116 69.84 -2.99 -1.48
CA ALA B 116 70.01 -3.73 -2.74
C ALA B 116 71.48 -3.98 -3.02
N ARG B 117 72.31 -3.01 -2.65
CA ARG B 117 73.77 -3.08 -2.85
C ARG B 117 74.46 -3.58 -1.56
N LYS B 118 73.76 -4.45 -0.82
CA LYS B 118 74.38 -5.25 0.23
C LYS B 118 73.68 -6.62 0.43
N LYS B 119 72.83 -7.03 -0.51
CA LYS B 119 72.26 -8.39 -0.52
C LYS B 119 73.36 -9.39 -0.89
N ASP C 1 -3.58 -23.31 -45.68
CA ASP C 1 -4.24 -23.08 -47.00
C ASP C 1 -5.63 -22.49 -46.82
N ASN C 2 -5.93 -21.41 -47.54
CA ASN C 2 -7.27 -20.82 -47.51
C ASN C 2 -8.41 -21.82 -47.76
N LYS C 3 -8.22 -22.71 -48.74
CA LYS C 3 -9.21 -23.73 -49.06
C LYS C 3 -9.37 -24.75 -47.93
N GLU C 4 -8.25 -25.14 -47.31
CA GLU C 4 -8.27 -26.07 -46.17
C GLU C 4 -8.77 -25.38 -44.90
N LEU C 5 -8.50 -24.08 -44.76
CA LEU C 5 -9.00 -23.35 -43.59
C LEU C 5 -10.52 -23.24 -43.67
N LYS C 6 -11.03 -22.97 -44.86
CA LYS C 6 -12.49 -22.96 -45.09
C LYS C 6 -13.08 -24.30 -44.65
N ILE C 7 -12.40 -25.39 -45.02
CA ILE C 7 -12.90 -26.74 -44.72
C ILE C 7 -12.88 -27.01 -43.21
N ILE C 8 -11.76 -26.68 -42.58
CA ILE C 8 -11.61 -26.89 -41.12
C ILE C 8 -12.63 -26.08 -40.32
N ARG C 9 -12.85 -24.83 -40.70
CA ARG C 9 -13.87 -24.00 -40.04
C ARG C 9 -15.24 -24.64 -40.07
N LYS C 10 -15.61 -25.18 -41.23
CA LYS C 10 -16.88 -25.91 -41.41
C LYS C 10 -16.92 -27.14 -40.51
N ASP C 11 -15.78 -27.82 -40.37
CA ASP C 11 -15.68 -29.01 -39.51
C ASP C 11 -15.76 -28.67 -38.01
N VAL C 12 -15.12 -27.57 -37.61
CA VAL C 12 -15.25 -27.08 -36.23
C VAL C 12 -16.71 -26.77 -35.91
N ALA C 13 -17.37 -25.98 -36.75
CA ALA C 13 -18.78 -25.62 -36.55
C ALA C 13 -19.67 -26.86 -36.39
N GLU C 14 -19.40 -27.89 -37.18
CA GLU C 14 -20.19 -29.12 -37.18
C GLU C 14 -19.88 -29.98 -35.95
N CYS C 15 -18.60 -30.03 -35.56
CA CYS C 15 -18.21 -30.69 -34.31
C CYS C 15 -18.88 -29.99 -33.13
N LEU C 16 -18.83 -28.67 -33.12
CA LEU C 16 -19.52 -27.87 -32.10
C LEU C 16 -20.97 -28.30 -31.92
N ARG C 17 -21.62 -28.58 -33.04
CA ARG C 17 -23.02 -28.93 -33.04
C ARG C 17 -23.23 -30.36 -32.53
N THR C 18 -22.54 -31.33 -33.13
CA THR C 18 -22.80 -32.76 -32.85
C THR C 18 -22.23 -33.26 -31.51
N LEU C 19 -21.18 -32.62 -31.01
CA LEU C 19 -20.54 -33.05 -29.76
C LEU C 19 -21.45 -32.83 -28.55
N PRO C 20 -21.50 -33.82 -27.63
CA PRO C 20 -22.34 -33.70 -26.45
C PRO C 20 -22.01 -32.47 -25.62
N LYS C 21 -23.03 -31.74 -25.20
CA LYS C 21 -22.84 -30.63 -24.26
C LYS C 21 -22.56 -31.28 -22.91
N CYS C 22 -21.38 -31.00 -22.39
CA CYS C 22 -20.98 -31.46 -21.07
C CYS C 22 -20.66 -30.28 -20.17
N GLY C 23 -20.74 -30.51 -18.86
CA GLY C 23 -20.59 -29.44 -17.87
C GLY C 23 -19.21 -28.81 -17.90
N ASN C 24 -19.18 -27.52 -17.57
CA ASN C 24 -17.91 -26.79 -17.41
C ASN C 24 -17.04 -26.82 -18.67
N GLN C 25 -17.57 -26.22 -19.73
CA GLN C 25 -16.82 -26.12 -20.99
C GLN C 25 -16.78 -24.67 -21.46
N PRO C 26 -15.64 -24.25 -21.99
CA PRO C 26 -15.52 -22.89 -22.47
C PRO C 26 -16.42 -22.66 -23.67
N ASP C 27 -16.93 -21.44 -23.81
CA ASP C 27 -17.71 -21.06 -24.98
C ASP C 27 -16.86 -21.08 -26.26
N ASP C 28 -15.56 -20.81 -26.11
CA ASP C 28 -14.64 -20.76 -27.23
C ASP C 28 -14.30 -22.18 -27.73
N PRO C 29 -14.76 -22.55 -28.94
CA PRO C 29 -14.53 -23.91 -29.41
C PRO C 29 -13.07 -24.27 -29.59
N LEU C 30 -12.26 -23.27 -29.91
CA LEU C 30 -10.84 -23.50 -30.11
C LEU C 30 -10.09 -23.69 -28.78
N ALA C 31 -10.80 -23.49 -27.67
CA ALA C 31 -10.27 -23.79 -26.34
C ALA C 31 -10.66 -25.19 -25.87
N ARG C 32 -11.35 -25.95 -26.72
CA ARG C 32 -11.87 -27.27 -26.33
C ARG C 32 -11.14 -28.43 -26.99
N VAL C 33 -10.69 -29.38 -26.17
CA VAL C 33 -9.97 -30.54 -26.67
C VAL C 33 -10.85 -31.38 -27.56
N ASP C 34 -12.08 -31.62 -27.15
CA ASP C 34 -12.99 -32.49 -27.91
C ASP C 34 -13.30 -31.92 -29.30
N VAL C 35 -13.38 -30.60 -29.42
CA VAL C 35 -13.60 -29.95 -30.71
C VAL C 35 -12.39 -30.07 -31.62
N TRP C 36 -11.19 -29.79 -31.09
CA TRP C 36 -9.97 -29.90 -31.87
C TRP C 36 -9.78 -31.33 -32.35
N HIS C 37 -9.91 -32.28 -31.44
CA HIS C 37 -9.77 -33.69 -31.79
C HIS C 37 -10.78 -34.12 -32.85
N CYS C 38 -12.01 -33.70 -32.65
CA CYS C 38 -13.07 -33.97 -33.60
C CYS C 38 -12.71 -33.41 -34.96
N ALA C 39 -12.27 -32.16 -34.98
CA ALA C 39 -11.88 -31.45 -36.21
C ALA C 39 -10.72 -32.14 -36.92
N MET C 40 -9.68 -32.45 -36.15
CA MET C 40 -8.48 -33.09 -36.71
C MET C 40 -8.77 -34.52 -37.19
N ALA C 41 -9.61 -35.24 -36.45
CA ALA C 41 -10.06 -36.57 -36.86
C ALA C 41 -10.69 -36.55 -38.26
N LYS C 42 -11.53 -35.55 -38.51
CA LYS C 42 -12.20 -35.41 -39.81
C LYS C 42 -11.24 -35.11 -40.95
N ARG C 43 -10.12 -34.45 -40.64
CA ARG C 43 -9.08 -34.21 -41.64
C ARG C 43 -8.12 -35.40 -41.77
N GLY C 44 -8.50 -36.53 -41.18
CA GLY C 44 -7.79 -37.79 -41.39
C GLY C 44 -6.49 -37.94 -40.61
N VAL C 45 -6.18 -37.01 -39.72
CA VAL C 45 -4.91 -37.04 -39.00
C VAL C 45 -4.70 -38.33 -38.19
N TYR C 46 -5.79 -38.93 -37.72
CA TYR C 46 -5.73 -40.15 -36.91
C TYR C 46 -6.32 -41.38 -37.59
N ASP C 47 -6.60 -41.32 -38.88
CA ASP C 47 -7.23 -42.45 -39.48
C ASP C 47 -6.30 -43.68 -39.58
N ASN C 48 -4.98 -43.51 -39.41
CA ASN C 48 -4.05 -44.63 -39.26
C ASN C 48 -3.36 -44.48 -37.92
N PRO C 49 -3.46 -45.48 -37.04
CA PRO C 49 -2.95 -45.37 -35.67
C PRO C 49 -1.44 -45.52 -35.52
N ASP C 50 -0.74 -45.91 -36.58
CA ASP C 50 0.74 -45.92 -36.57
C ASP C 50 1.29 -44.55 -36.10
N PRO C 51 2.01 -44.51 -34.98
CA PRO C 51 2.54 -43.25 -34.48
C PRO C 51 3.33 -42.44 -35.49
N ALA C 52 4.12 -43.12 -36.32
CA ALA C 52 4.95 -42.43 -37.33
C ALA C 52 4.06 -41.67 -38.34
N VAL C 53 2.92 -42.25 -38.67
CA VAL C 53 1.98 -41.67 -39.62
C VAL C 53 1.22 -40.50 -39.00
N ILE C 54 0.77 -40.69 -37.77
CA ILE C 54 0.10 -39.61 -37.03
C ILE C 54 1.02 -38.39 -36.94
N LYS C 55 2.28 -38.65 -36.67
CA LYS C 55 3.29 -37.59 -36.58
C LYS C 55 3.45 -36.86 -37.91
N GLU C 56 3.68 -37.61 -38.98
CA GLU C 56 3.79 -37.01 -40.29
C GLU C 56 2.59 -36.12 -40.63
N ARG C 57 1.38 -36.63 -40.39
CA ARG C 57 0.14 -35.92 -40.74
C ARG C 57 -0.10 -34.69 -39.87
N SER C 58 0.25 -34.80 -38.59
CA SER C 58 0.16 -33.67 -37.68
C SER C 58 1.08 -32.54 -38.13
N MET C 59 2.33 -32.88 -38.43
CA MET C 59 3.31 -31.88 -38.88
C MET C 59 2.82 -31.21 -40.16
N LYS C 60 2.20 -31.98 -41.05
CA LYS C 60 1.64 -31.46 -42.30
C LYS C 60 0.52 -30.45 -41.98
N MET C 61 -0.29 -30.78 -40.98
CA MET C 61 -1.40 -29.94 -40.59
C MET C 61 -0.91 -28.59 -40.05
N CYS C 62 0.19 -28.61 -39.29
CA CYS C 62 0.81 -27.38 -38.78
C CYS C 62 1.00 -26.36 -39.91
N THR C 63 1.48 -26.82 -41.06
CA THR C 63 1.76 -25.91 -42.20
C THR C 63 0.48 -25.32 -42.79
N LYS C 64 -0.65 -26.00 -42.59
CA LYS C 64 -1.92 -25.58 -43.19
C LYS C 64 -2.67 -24.56 -42.36
N ILE C 65 -2.69 -24.73 -41.03
CA ILE C 65 -3.47 -23.86 -40.13
C ILE C 65 -2.66 -22.76 -39.41
N ILE C 66 -1.38 -22.62 -39.77
CA ILE C 66 -0.48 -21.59 -39.20
C ILE C 66 0.36 -20.98 -40.32
N THR C 67 0.54 -19.66 -40.29
CA THR C 67 1.27 -18.95 -41.35
C THR C 67 2.69 -18.52 -40.98
N ASP C 68 2.88 -18.08 -39.74
CA ASP C 68 4.22 -17.64 -39.28
C ASP C 68 5.17 -18.83 -39.28
N PRO C 69 6.29 -18.73 -40.03
CA PRO C 69 7.22 -19.85 -40.10
C PRO C 69 7.79 -20.29 -38.75
N ALA C 70 8.06 -19.35 -37.86
CA ALA C 70 8.58 -19.65 -36.54
C ALA C 70 7.59 -20.50 -35.74
N ASN C 71 6.33 -20.06 -35.75
CA ASN C 71 5.24 -20.79 -35.10
C ASN C 71 4.91 -22.11 -35.79
N VAL C 72 5.11 -22.16 -37.11
CA VAL C 72 4.94 -23.41 -37.83
C VAL C 72 5.93 -24.45 -37.32
N GLU C 73 7.18 -24.03 -37.11
CA GLU C 73 8.21 -24.95 -36.62
C GLU C 73 7.94 -25.37 -35.17
N ASN C 74 7.48 -24.43 -34.34
CA ASN C 74 7.15 -24.74 -32.96
C ASN C 74 6.03 -25.80 -32.88
N CYS C 75 5.00 -25.62 -33.69
CA CYS C 75 3.91 -26.58 -33.83
C CYS C 75 4.43 -27.97 -34.20
N LYS C 76 5.36 -28.02 -35.14
CA LYS C 76 5.93 -29.28 -35.57
C LYS C 76 6.71 -29.94 -34.44
N LYS C 77 7.54 -29.15 -33.76
CA LYS C 77 8.33 -29.64 -32.63
C LYS C 77 7.40 -30.21 -31.54
N VAL C 78 6.30 -29.52 -31.28
CA VAL C 78 5.34 -29.93 -30.26
C VAL C 78 4.54 -31.17 -30.67
N ALA C 79 4.12 -31.22 -31.94
CA ALA C 79 3.41 -32.39 -32.46
C ALA C 79 4.25 -33.65 -32.26
N SER C 80 5.53 -33.56 -32.60
CA SER C 80 6.44 -34.69 -32.52
C SER C 80 6.55 -35.18 -31.09
N ARG C 81 6.78 -34.24 -30.20
CA ARG C 81 6.91 -34.52 -28.78
C ARG C 81 5.64 -35.17 -28.23
N CYS C 82 4.48 -34.60 -28.55
CA CYS C 82 3.21 -35.10 -28.05
C CYS C 82 2.90 -36.50 -28.56
N VAL C 83 3.15 -36.76 -29.84
CA VAL C 83 2.89 -38.08 -30.41
C VAL C 83 3.80 -39.12 -29.76
N ASP C 84 5.07 -38.76 -29.57
CA ASP C 84 6.04 -39.67 -28.94
C ASP C 84 5.62 -40.08 -27.53
N ARG C 85 5.14 -39.14 -26.73
CA ARG C 85 4.77 -39.42 -25.36
C ARG C 85 3.42 -40.08 -25.26
N GLU C 86 2.42 -39.50 -25.92
CA GLU C 86 1.02 -39.89 -25.71
C GLU C 86 0.56 -41.13 -26.48
N THR C 87 1.38 -41.64 -27.42
CA THR C 87 1.08 -42.93 -28.09
C THR C 87 1.71 -44.13 -27.38
N GLN C 88 2.50 -43.88 -26.34
CA GLN C 88 2.99 -44.97 -25.49
C GLN C 88 1.85 -45.49 -24.61
N GLY C 89 1.99 -46.73 -24.15
CA GLY C 89 1.05 -47.30 -23.19
C GLY C 89 -0.12 -48.06 -23.79
N PRO C 90 -1.01 -48.58 -22.92
CA PRO C 90 -2.07 -49.49 -23.31
C PRO C 90 -3.43 -48.84 -23.59
N LYS C 91 -3.51 -47.52 -23.52
CA LYS C 91 -4.78 -46.83 -23.79
C LYS C 91 -5.21 -47.10 -25.25
N SER C 92 -6.49 -46.87 -25.52
CA SER C 92 -7.03 -47.10 -26.86
C SER C 92 -6.51 -46.05 -27.83
N ASN C 93 -6.51 -46.38 -29.12
CA ASN C 93 -6.07 -45.45 -30.17
C ASN C 93 -6.85 -44.15 -30.14
N ARG C 94 -8.15 -44.26 -29.91
CA ARG C 94 -9.02 -43.10 -29.92
C ARG C 94 -8.65 -42.17 -28.77
N GLN C 95 -8.41 -42.72 -27.59
CA GLN C 95 -7.99 -41.97 -26.39
C GLN C 95 -6.58 -41.42 -26.52
N LYS C 96 -5.69 -42.15 -27.20
CA LYS C 96 -4.34 -41.66 -27.46
C LYS C 96 -4.41 -40.40 -28.32
N ALA C 97 -5.29 -40.41 -29.30
CA ALA C 97 -5.49 -39.26 -30.18
C ALA C 97 -5.97 -38.04 -29.38
N VAL C 98 -6.96 -38.26 -28.53
CA VAL C 98 -7.46 -37.19 -27.66
C VAL C 98 -6.35 -36.65 -26.76
N ASN C 99 -5.53 -37.54 -26.21
CA ASN C 99 -4.41 -37.12 -25.36
C ASN C 99 -3.35 -36.29 -26.13
N ILE C 100 -3.08 -36.67 -27.37
CA ILE C 100 -2.18 -35.91 -28.22
C ILE C 100 -2.69 -34.48 -28.35
N ILE C 101 -3.96 -34.35 -28.66
CA ILE C 101 -4.60 -33.04 -28.83
C ILE C 101 -4.50 -32.23 -27.54
N GLY C 102 -4.77 -32.87 -26.43
CA GLY C 102 -4.71 -32.21 -25.13
C GLY C 102 -3.29 -31.70 -24.85
N CYS C 103 -2.30 -32.49 -25.26
CA CYS C 103 -0.88 -32.14 -25.09
C CYS C 103 -0.50 -30.91 -25.92
N ALA C 104 -1.01 -30.85 -27.15
CA ALA C 104 -0.77 -29.71 -28.04
C ALA C 104 -1.48 -28.46 -27.56
N LEU C 105 -2.70 -28.63 -27.05
CA LEU C 105 -3.49 -27.49 -26.56
C LEU C 105 -2.81 -26.89 -25.35
N ARG C 106 -2.39 -27.75 -24.44
CA ARG C 106 -1.72 -27.33 -23.24
C ARG C 106 -0.46 -26.53 -23.58
N ALA C 107 0.23 -26.95 -24.63
CA ALA C 107 1.49 -26.32 -25.09
C ALA C 107 1.31 -24.96 -25.76
N GLY C 108 0.07 -24.62 -26.09
CA GLY C 108 -0.24 -23.30 -26.62
C GLY C 108 -0.38 -23.20 -28.14
N VAL C 109 -0.28 -24.33 -28.81
CA VAL C 109 -0.32 -24.33 -30.27
C VAL C 109 -1.60 -23.70 -30.83
N ALA C 110 -2.71 -23.91 -30.15
CA ALA C 110 -4.00 -23.42 -30.66
C ALA C 110 -4.02 -21.91 -30.82
N GLU C 111 -3.34 -21.22 -29.91
CA GLU C 111 -3.26 -19.75 -29.92
C GLU C 111 -2.58 -19.21 -31.16
N THR C 112 -1.65 -19.97 -31.71
CA THR C 112 -0.84 -19.55 -32.87
C THR C 112 -1.50 -19.84 -34.21
N THR C 113 -2.66 -20.50 -34.20
CA THR C 113 -3.32 -20.86 -35.44
C THR C 113 -4.09 -19.68 -36.03
N VAL C 114 -4.35 -19.76 -37.33
CA VAL C 114 -5.09 -18.70 -38.02
C VAL C 114 -6.56 -18.69 -37.60
N LEU C 115 -7.06 -19.85 -37.18
CA LEU C 115 -8.43 -19.97 -36.71
C LEU C 115 -8.67 -19.10 -35.47
N ALA C 116 -7.66 -19.03 -34.62
CA ALA C 116 -7.72 -18.28 -33.38
C ALA C 116 -7.48 -16.79 -33.59
N ARG C 117 -6.69 -16.42 -34.60
CA ARG C 117 -6.44 -14.98 -34.87
C ARG C 117 -7.57 -14.32 -35.68
N LYS C 118 -8.47 -15.13 -36.24
CA LYS C 118 -9.66 -14.59 -36.94
N ASP D 1 4.79 -20.17 -4.17
CA ASP D 1 5.80 -20.88 -3.32
C ASP D 1 5.51 -22.38 -3.28
N ASN D 2 6.37 -23.13 -2.57
CA ASN D 2 6.21 -24.59 -2.41
C ASN D 2 5.00 -24.98 -1.56
N LYS D 3 4.73 -24.20 -0.52
CA LYS D 3 3.53 -24.40 0.33
C LYS D 3 2.24 -24.23 -0.49
N GLU D 4 2.23 -23.24 -1.38
CA GLU D 4 1.09 -23.00 -2.26
C GLU D 4 0.92 -24.08 -3.33
N LEU D 5 2.05 -24.58 -3.84
CA LEU D 5 2.06 -25.63 -4.88
C LEU D 5 1.59 -26.97 -4.30
N LYS D 6 2.05 -27.28 -3.09
CA LYS D 6 1.57 -28.46 -2.37
C LYS D 6 0.03 -28.43 -2.29
N ILE D 7 -0.51 -27.26 -1.94
CA ILE D 7 -1.96 -27.09 -1.76
C ILE D 7 -2.70 -27.26 -3.10
N ILE D 8 -2.22 -26.62 -4.14
CA ILE D 8 -2.84 -26.70 -5.48
C ILE D 8 -2.82 -28.13 -6.03
N ARG D 9 -1.71 -28.83 -5.87
CA ARG D 9 -1.62 -30.24 -6.28
C ARG D 9 -2.70 -31.10 -5.63
N LYS D 10 -2.89 -30.90 -4.32
CA LYS D 10 -3.94 -31.60 -3.57
C LYS D 10 -5.33 -31.23 -4.11
N ASP D 11 -5.51 -29.97 -4.51
CA ASP D 11 -6.79 -29.51 -5.08
C ASP D 11 -7.04 -30.07 -6.48
N VAL D 12 -6.00 -30.14 -7.30
CA VAL D 12 -6.10 -30.78 -8.62
C VAL D 12 -6.52 -32.25 -8.48
N ALA D 13 -5.80 -32.99 -7.64
CA ALA D 13 -6.12 -34.40 -7.40
C ALA D 13 -7.59 -34.61 -6.98
N GLU D 14 -8.07 -33.71 -6.13
CA GLU D 14 -9.44 -33.79 -5.59
C GLU D 14 -10.48 -33.39 -6.64
N CYS D 15 -10.16 -32.37 -7.43
CA CYS D 15 -10.99 -31.99 -8.57
C CYS D 15 -11.08 -33.14 -9.56
N LEU D 16 -9.93 -33.75 -9.87
CA LEU D 16 -9.87 -34.95 -10.72
C LEU D 16 -10.87 -36.00 -10.28
N ARG D 17 -10.98 -36.18 -8.97
CA ARG D 17 -11.83 -37.21 -8.41
C ARG D 17 -13.30 -36.83 -8.49
N THR D 18 -13.66 -35.64 -8.00
CA THR D 18 -15.07 -35.23 -7.87
C THR D 18 -15.74 -34.80 -9.17
N LEU D 19 -14.95 -34.31 -10.13
CA LEU D 19 -15.50 -33.84 -11.41
C LEU D 19 -16.09 -34.99 -12.25
N PRO D 20 -17.26 -34.76 -12.87
CA PRO D 20 -17.91 -35.79 -13.67
C PRO D 20 -17.01 -36.27 -14.78
N LYS D 21 -16.91 -37.59 -14.94
CA LYS D 21 -16.26 -38.12 -16.12
C LYS D 21 -17.19 -37.80 -17.27
N CYS D 22 -16.64 -37.13 -18.27
CA CYS D 22 -17.33 -36.86 -19.53
C CYS D 22 -16.50 -37.36 -20.71
N GLY D 23 -17.19 -37.59 -21.83
CA GLY D 23 -16.56 -38.19 -23.00
C GLY D 23 -15.47 -37.32 -23.58
N ASN D 24 -14.46 -37.97 -24.17
CA ASN D 24 -13.40 -37.29 -24.92
C ASN D 24 -12.67 -36.26 -24.08
N GLN D 25 -11.99 -36.77 -23.04
CA GLN D 25 -11.18 -35.91 -22.19
C GLN D 25 -9.76 -36.46 -22.08
N PRO D 26 -8.77 -35.57 -22.09
CA PRO D 26 -7.40 -36.02 -21.96
C PRO D 26 -7.13 -36.62 -20.61
N ASP D 27 -6.24 -37.60 -20.55
CA ASP D 27 -5.83 -38.19 -19.28
C ASP D 27 -5.06 -37.19 -18.42
N ASP D 28 -4.38 -36.25 -19.06
CA ASP D 28 -3.59 -35.24 -18.37
C ASP D 28 -4.49 -34.15 -17.74
N PRO D 29 -4.56 -34.11 -16.40
CA PRO D 29 -5.49 -33.18 -15.77
C PRO D 29 -5.16 -31.72 -16.04
N LEU D 30 -3.88 -31.43 -16.25
CA LEU D 30 -3.45 -30.06 -16.52
C LEU D 30 -3.78 -29.63 -17.95
N ALA D 31 -4.27 -30.56 -18.75
CA ALA D 31 -4.77 -30.26 -20.09
C ALA D 31 -6.29 -30.03 -20.08
N ARG D 32 -6.91 -30.06 -18.91
CA ARG D 32 -8.38 -29.96 -18.79
C ARG D 32 -8.85 -28.65 -18.21
N VAL D 33 -9.78 -27.99 -18.93
CA VAL D 33 -10.31 -26.72 -18.48
C VAL D 33 -11.05 -26.86 -17.16
N ASP D 34 -11.88 -27.89 -17.06
CA ASP D 34 -12.71 -28.08 -15.87
C ASP D 34 -11.86 -28.32 -14.61
N VAL D 35 -10.73 -29.00 -14.76
CA VAL D 35 -9.82 -29.21 -13.64
C VAL D 35 -9.14 -27.90 -13.21
N TRP D 36 -8.61 -27.16 -14.17
CA TRP D 36 -7.96 -25.88 -13.87
C TRP D 36 -8.94 -24.94 -13.19
N HIS D 37 -10.11 -24.79 -13.77
CA HIS D 37 -11.14 -23.92 -13.21
C HIS D 37 -11.53 -24.34 -11.81
N CYS D 38 -11.72 -25.64 -11.65
CA CYS D 38 -12.05 -26.21 -10.35
C CYS D 38 -10.95 -25.88 -9.34
N ALA D 39 -9.70 -26.09 -9.75
CA ALA D 39 -8.53 -25.83 -8.91
C ALA D 39 -8.42 -24.36 -8.53
N MET D 40 -8.55 -23.48 -9.52
CA MET D 40 -8.43 -22.03 -9.29
C MET D 40 -9.60 -21.50 -8.45
N ALA D 41 -10.78 -22.04 -8.69
CA ALA D 41 -11.97 -21.69 -7.88
C ALA D 41 -11.71 -21.94 -6.39
N LYS D 42 -11.09 -23.07 -6.08
CA LYS D 42 -10.79 -23.43 -4.68
C LYS D 42 -9.76 -22.50 -4.05
N ARG D 43 -8.87 -21.93 -4.86
CA ARG D 43 -7.90 -20.94 -4.37
C ARG D 43 -8.51 -19.53 -4.32
N GLY D 44 -9.83 -19.44 -4.48
CA GLY D 44 -10.56 -18.19 -4.30
C GLY D 44 -10.45 -17.18 -5.43
N VAL D 45 -9.84 -17.57 -6.54
CA VAL D 45 -9.62 -16.62 -7.64
C VAL D 45 -10.92 -15.99 -8.15
N TYR D 46 -12.01 -16.75 -8.08
CA TYR D 46 -13.31 -16.29 -8.58
C TYR D 46 -14.37 -16.04 -7.49
N ASP D 47 -13.97 -16.01 -6.21
CA ASP D 47 -14.92 -15.79 -5.11
C ASP D 47 -15.65 -14.45 -5.22
N ASN D 48 -15.03 -13.49 -5.89
CA ASN D 48 -15.66 -12.20 -6.12
C ASN D 48 -15.73 -11.96 -7.61
N PRO D 49 -16.94 -11.77 -8.17
CA PRO D 49 -17.11 -11.69 -9.62
C PRO D 49 -16.69 -10.38 -10.27
N ASP D 50 -16.39 -9.36 -9.47
CA ASP D 50 -15.84 -8.10 -9.99
C ASP D 50 -14.61 -8.40 -10.88
N PRO D 51 -14.69 -8.03 -12.17
CA PRO D 51 -13.57 -8.30 -13.08
C PRO D 51 -12.21 -7.79 -12.60
N ALA D 52 -12.20 -6.61 -11.99
CA ALA D 52 -10.94 -6.03 -11.50
C ALA D 52 -10.29 -6.92 -10.43
N VAL D 53 -11.13 -7.54 -9.60
CA VAL D 53 -10.65 -8.41 -8.52
C VAL D 53 -10.17 -9.75 -9.06
N ILE D 54 -10.94 -10.33 -9.99
CA ILE D 54 -10.54 -11.57 -10.66
C ILE D 54 -9.16 -11.37 -11.29
N LYS D 55 -8.99 -10.22 -11.95
CA LYS D 55 -7.72 -9.90 -12.60
C LYS D 55 -6.57 -9.81 -11.59
N GLU D 56 -6.78 -9.09 -10.49
CA GLU D 56 -5.76 -8.98 -9.43
C GLU D 56 -5.34 -10.35 -8.96
N ARG D 57 -6.32 -11.18 -8.66
CA ARG D 57 -6.07 -12.48 -8.06
C ARG D 57 -5.44 -13.46 -9.02
N SER D 58 -5.84 -13.38 -10.29
CA SER D 58 -5.22 -14.19 -11.32
C SER D 58 -3.75 -13.85 -11.47
N MET D 59 -3.45 -12.56 -11.56
CA MET D 59 -2.06 -12.11 -11.71
C MET D 59 -1.22 -12.56 -10.52
N LYS D 60 -1.82 -12.53 -9.33
CA LYS D 60 -1.16 -13.00 -8.10
C LYS D 60 -0.85 -14.50 -8.21
N MET D 61 -1.79 -15.24 -8.76
CA MET D 61 -1.64 -16.67 -8.91
C MET D 61 -0.48 -17.02 -9.86
N CYS D 62 -0.33 -16.24 -10.94
CA CYS D 62 0.78 -16.41 -11.87
C CYS D 62 2.13 -16.48 -11.13
N THR D 63 2.33 -15.61 -10.14
CA THR D 63 3.60 -15.56 -9.39
C THR D 63 3.80 -16.79 -8.52
N LYS D 64 2.72 -17.47 -8.17
CA LYS D 64 2.78 -18.63 -7.26
C LYS D 64 3.07 -19.94 -7.97
N ILE D 65 2.46 -20.16 -9.14
CA ILE D 65 2.60 -21.43 -9.87
C ILE D 65 3.59 -21.42 -11.06
N ILE D 66 4.34 -20.33 -11.20
CA ILE D 66 5.36 -20.18 -12.25
C ILE D 66 6.60 -19.51 -11.66
N THR D 67 7.79 -19.98 -12.02
CA THR D 67 9.06 -19.47 -11.46
C THR D 67 9.84 -18.55 -12.39
N ASP D 68 9.87 -18.87 -13.69
CA ASP D 68 10.60 -18.05 -14.67
C ASP D 68 9.95 -16.67 -14.75
N PRO D 69 10.74 -15.61 -14.47
CA PRO D 69 10.17 -14.26 -14.50
C PRO D 69 9.54 -13.86 -15.84
N ALA D 70 10.15 -14.29 -16.95
CA ALA D 70 9.62 -13.98 -18.28
C ALA D 70 8.25 -14.59 -18.48
N ASN D 71 8.13 -15.87 -18.12
CA ASN D 71 6.85 -16.58 -18.17
C ASN D 71 5.84 -16.08 -17.15
N VAL D 72 6.33 -15.60 -16.01
CA VAL D 72 5.45 -15.00 -15.02
C VAL D 72 4.76 -13.77 -15.63
N GLU D 73 5.54 -12.95 -16.32
CA GLU D 73 4.99 -11.74 -16.96
C GLU D 73 4.03 -12.09 -18.09
N ASN D 74 4.37 -13.10 -18.89
CA ASN D 74 3.49 -13.55 -19.97
C ASN D 74 2.13 -14.00 -19.42
N CYS D 75 2.17 -14.78 -18.35
CA CYS D 75 0.95 -15.23 -17.65
C CYS D 75 0.11 -14.05 -17.20
N LYS D 76 0.77 -13.02 -16.67
CA LYS D 76 0.06 -11.83 -16.20
C LYS D 76 -0.59 -11.09 -17.37
N LYS D 77 0.16 -10.93 -18.45
CA LYS D 77 -0.35 -10.27 -19.66
C LYS D 77 -1.57 -11.02 -20.21
N VAL D 78 -1.49 -12.34 -20.20
CA VAL D 78 -2.58 -13.18 -20.70
C VAL D 78 -3.81 -13.19 -19.78
N ALA D 79 -3.57 -13.25 -18.47
CA ALA D 79 -4.66 -13.18 -17.50
C ALA D 79 -5.48 -11.90 -17.70
N SER D 80 -4.77 -10.79 -17.86
CA SER D 80 -5.42 -9.49 -18.04
C SER D 80 -6.30 -9.47 -19.28
N ARG D 81 -5.71 -9.92 -20.37
CA ARG D 81 -6.39 -9.99 -21.65
C ARG D 81 -7.64 -10.88 -21.56
N CYS D 82 -7.48 -12.07 -20.98
CA CYS D 82 -8.59 -13.02 -20.88
C CYS D 82 -9.74 -12.52 -20.02
N VAL D 83 -9.40 -11.90 -18.88
CA VAL D 83 -10.43 -11.35 -17.99
C VAL D 83 -11.19 -10.23 -18.70
N ASP D 84 -10.46 -9.36 -19.39
CA ASP D 84 -11.08 -8.24 -20.11
C ASP D 84 -12.08 -8.69 -21.16
N ARG D 85 -11.73 -9.72 -21.93
CA ARG D 85 -12.63 -10.19 -22.99
C ARG D 85 -13.75 -11.07 -22.44
N GLU D 86 -13.39 -12.05 -21.62
CA GLU D 86 -14.33 -13.10 -21.25
C GLU D 86 -15.30 -12.74 -20.12
N THR D 87 -15.10 -11.60 -19.46
CA THR D 87 -16.08 -11.10 -18.46
C THR D 87 -17.11 -10.13 -19.08
N GLN D 88 -16.95 -9.81 -20.36
CA GLN D 88 -17.98 -9.06 -21.08
C GLN D 88 -19.17 -9.97 -21.38
N GLY D 89 -20.33 -9.36 -21.58
CA GLY D 89 -21.51 -10.09 -22.01
C GLY D 89 -22.42 -10.59 -20.89
N PRO D 90 -23.51 -11.29 -21.26
CA PRO D 90 -24.57 -11.68 -20.33
C PRO D 90 -24.45 -13.09 -19.75
N LYS D 91 -23.37 -13.81 -20.06
CA LYS D 91 -23.18 -15.15 -19.50
C LYS D 91 -23.07 -15.07 -17.98
N SER D 92 -23.29 -16.20 -17.32
CA SER D 92 -23.22 -16.26 -15.86
C SER D 92 -21.79 -16.11 -15.38
N ASN D 93 -21.63 -15.68 -14.13
CA ASN D 93 -20.30 -15.51 -13.52
C ASN D 93 -19.47 -16.81 -13.54
N ARG D 94 -20.09 -17.93 -13.16
CA ARG D 94 -19.43 -19.23 -13.24
C ARG D 94 -18.89 -19.51 -14.65
N GLN D 95 -19.75 -19.35 -15.65
CA GLN D 95 -19.38 -19.64 -17.03
C GLN D 95 -18.31 -18.67 -17.52
N LYS D 96 -18.36 -17.42 -17.07
CA LYS D 96 -17.32 -16.45 -17.41
C LYS D 96 -15.98 -16.91 -16.87
N ALA D 97 -15.99 -17.44 -15.65
CA ALA D 97 -14.78 -17.97 -15.01
C ALA D 97 -14.20 -19.14 -15.83
N VAL D 98 -15.07 -20.07 -16.21
CA VAL D 98 -14.66 -21.18 -17.06
C VAL D 98 -14.08 -20.69 -18.38
N ASN D 99 -14.71 -19.69 -18.99
CA ASN D 99 -14.21 -19.12 -20.25
C ASN D 99 -12.83 -18.46 -20.10
N ILE D 100 -12.62 -17.77 -18.98
CA ILE D 100 -11.31 -17.18 -18.67
C ILE D 100 -10.23 -18.26 -18.66
N ILE D 101 -10.52 -19.35 -17.97
CA ILE D 101 -9.59 -20.47 -17.86
C ILE D 101 -9.31 -21.06 -19.25
N GLY D 102 -10.36 -21.23 -20.04
CA GLY D 102 -10.21 -21.76 -21.38
C GLY D 102 -9.34 -20.87 -22.24
N CYS D 103 -9.48 -19.56 -22.04
CA CYS D 103 -8.68 -18.56 -22.79
C CYS D 103 -7.19 -18.63 -22.41
N ALA D 104 -6.92 -18.82 -21.12
CA ALA D 104 -5.54 -18.97 -20.63
C ALA D 104 -4.93 -20.28 -21.09
N LEU D 105 -5.72 -21.35 -21.08
CA LEU D 105 -5.22 -22.66 -21.48
C LEU D 105 -4.86 -22.64 -22.96
N ARG D 106 -5.76 -22.09 -23.76
CA ARG D 106 -5.53 -21.97 -25.18
C ARG D 106 -4.25 -21.21 -25.48
N ALA D 107 -3.98 -20.19 -24.66
CA ALA D 107 -2.78 -19.31 -24.83
C ALA D 107 -1.46 -19.98 -24.44
N GLY D 108 -1.54 -21.12 -23.77
CA GLY D 108 -0.34 -21.90 -23.46
C GLY D 108 0.19 -21.75 -22.05
N VAL D 109 -0.50 -20.98 -21.23
CA VAL D 109 -0.01 -20.68 -19.88
C VAL D 109 0.24 -21.95 -19.06
N ALA D 110 -0.60 -22.95 -19.25
CA ALA D 110 -0.52 -24.17 -18.43
C ALA D 110 0.81 -24.85 -18.59
N GLU D 111 1.34 -24.81 -19.81
CA GLU D 111 2.63 -25.45 -20.13
C GLU D 111 3.81 -24.86 -19.34
N THR D 112 3.71 -23.57 -19.01
CA THR D 112 4.77 -22.84 -18.34
C THR D 112 4.73 -22.96 -16.82
N THR D 113 3.72 -23.64 -16.28
CA THR D 113 3.58 -23.77 -14.84
C THR D 113 4.48 -24.86 -14.28
N VAL D 114 4.77 -24.77 -12.99
CA VAL D 114 5.62 -25.75 -12.31
C VAL D 114 4.91 -27.09 -12.19
N LEU D 115 3.59 -27.05 -12.14
CA LEU D 115 2.79 -28.27 -12.06
C LEU D 115 2.99 -29.15 -13.30
N ALA D 116 3.16 -28.49 -14.44
CA ALA D 116 3.34 -29.19 -15.73
C ALA D 116 4.78 -29.70 -15.87
N ARG D 117 5.68 -29.22 -15.02
CA ARG D 117 6.88 -30.00 -14.63
C ARG D 117 8.20 -29.22 -14.72
N ASP E 1 5.95 30.06 0.98
CA ASP E 1 5.41 30.14 -0.40
C ASP E 1 3.89 30.37 -0.35
N ASN E 2 3.40 31.42 -1.01
CA ASN E 2 1.95 31.70 -1.03
C ASN E 2 1.07 30.45 -1.05
N LYS E 3 1.26 29.61 -2.06
CA LYS E 3 0.39 28.45 -2.28
C LYS E 3 0.39 27.44 -1.13
N GLU E 4 1.52 27.33 -0.43
CA GLU E 4 1.68 26.35 0.64
C GLU E 4 1.47 26.95 2.05
N LEU E 5 1.55 28.28 2.15
CA LEU E 5 1.08 29.05 3.32
C LEU E 5 -0.45 29.06 3.35
N LYS E 6 -1.08 29.21 2.19
CA LYS E 6 -2.53 29.11 2.08
C LYS E 6 -3.00 27.75 2.63
N ILE E 7 -2.28 26.69 2.27
CA ILE E 7 -2.64 25.33 2.69
C ILE E 7 -2.48 25.17 4.20
N ILE E 8 -1.35 25.61 4.74
CA ILE E 8 -1.08 25.51 6.19
C ILE E 8 -2.09 26.29 7.03
N ARG E 9 -2.43 27.51 6.59
CA ARG E 9 -3.45 28.30 7.26
C ARG E 9 -4.78 27.56 7.37
N LYS E 10 -5.18 26.92 6.28
CA LYS E 10 -6.41 26.10 6.24
C LYS E 10 -6.29 24.92 7.23
N ASP E 11 -5.10 24.34 7.31
CA ASP E 11 -4.84 23.22 8.23
C ASP E 11 -4.84 23.65 9.71
N VAL E 12 -4.26 24.82 9.99
CA VAL E 12 -4.33 25.39 11.34
C VAL E 12 -5.78 25.62 11.77
N ALA E 13 -6.54 26.30 10.94
CA ALA E 13 -7.96 26.56 11.22
C ALA E 13 -8.73 25.27 11.53
N GLU E 14 -8.45 24.22 10.77
CA GLU E 14 -9.15 22.94 10.90
C GLU E 14 -8.69 22.17 12.16
N CYS E 15 -7.39 22.24 12.44
CA CYS E 15 -6.86 21.70 13.69
C CYS E 15 -7.47 22.41 14.89
N LEU E 16 -7.52 23.74 14.83
CA LEU E 16 -8.21 24.56 15.84
C LEU E 16 -9.60 24.03 16.15
N ARG E 17 -10.32 23.63 15.10
CA ARG E 17 -11.69 23.18 15.23
C ARG E 17 -11.76 21.78 15.84
N THR E 18 -11.04 20.83 15.24
CA THR E 18 -11.16 19.41 15.63
C THR E 18 -10.46 19.02 16.95
N LEU E 19 -9.43 19.77 17.32
CA LEU E 19 -8.67 19.47 18.54
C LEU E 19 -9.50 19.71 19.81
N PRO E 20 -9.41 18.78 20.79
CA PRO E 20 -10.17 18.91 22.02
C PRO E 20 -9.88 20.21 22.76
N LYS E 21 -10.90 20.88 23.24
CA LYS E 21 -10.66 22.10 24.02
N CYS E 22 -9.12 21.96 25.84
CA CYS E 22 -8.60 21.58 27.15
C CYS E 22 -8.30 22.85 27.94
N GLY E 23 -8.26 22.69 29.26
CA GLY E 23 -8.13 23.82 30.17
C GLY E 23 -6.81 24.56 29.99
N ASN E 24 -6.84 25.86 30.25
CA ASN E 24 -5.63 26.69 30.27
C ASN E 24 -4.86 26.63 28.96
N GLN E 25 -5.50 27.12 27.89
CA GLN E 25 -4.87 27.20 26.58
C GLN E 25 -4.96 28.61 26.02
N PRO E 26 -3.89 29.08 25.38
CA PRO E 26 -3.92 30.41 24.82
C PRO E 26 -4.91 30.50 23.68
N ASP E 27 -5.51 31.67 23.50
CA ASP E 27 -6.41 31.91 22.38
C ASP E 27 -5.65 31.88 21.05
N ASP E 28 -4.38 32.25 21.08
CA ASP E 28 -3.54 32.29 19.88
C ASP E 28 -3.12 30.87 19.45
N PRO E 29 -3.66 30.39 18.30
CA PRO E 29 -3.37 29.01 17.90
C PRO E 29 -1.89 28.75 17.64
N LEU E 30 -1.17 29.78 17.19
CA LEU E 30 0.25 29.64 16.89
C LEU E 30 1.09 29.60 18.16
N ALA E 31 0.46 29.81 19.31
CA ALA E 31 1.11 29.63 20.61
C ALA E 31 0.86 28.24 21.19
N ARG E 32 0.17 27.38 20.44
CA ARG E 32 -0.22 26.05 20.94
C ARG E 32 0.54 24.92 20.30
N VAL E 33 1.10 24.06 21.14
CA VAL E 33 1.88 22.92 20.66
C VAL E 33 1.01 21.94 19.87
N ASP E 34 -0.18 21.66 20.40
CA ASP E 34 -1.07 20.68 19.76
C ASP E 34 -1.52 21.14 18.37
N VAL E 35 -1.70 22.45 18.18
CA VAL E 35 -2.06 23.00 16.89
C VAL E 35 -0.91 22.89 15.89
N TRP E 36 0.28 23.29 16.32
CA TRP E 36 1.46 23.22 15.45
C TRP E 36 1.72 21.78 15.03
N HIS E 37 1.73 20.89 16.00
CA HIS E 37 1.95 19.46 15.72
C HIS E 37 0.90 18.90 14.79
N CYS E 38 -0.35 19.25 15.05
CA CYS E 38 -1.45 18.84 14.21
C CYS E 38 -1.24 19.34 12.78
N ALA E 39 -0.90 20.61 12.66
CA ALA E 39 -0.65 21.26 11.36
C ALA E 39 0.50 20.61 10.61
N MET E 40 1.63 20.43 11.30
CA MET E 40 2.83 19.84 10.69
C MET E 40 2.60 18.36 10.32
N ALA E 41 1.87 17.64 11.16
CA ALA E 41 1.49 16.25 10.87
C ALA E 41 0.76 16.13 9.53
N LYS E 42 -0.17 17.05 9.29
CA LYS E 42 -0.93 17.06 8.04
C LYS E 42 -0.08 17.38 6.81
N ARG E 43 1.00 18.12 7.00
CA ARG E 43 1.96 18.37 5.91
C ARG E 43 2.99 17.24 5.77
N GLY E 44 2.74 16.13 6.45
CA GLY E 44 3.53 14.91 6.27
C GLY E 44 4.90 14.91 6.94
N VAL E 45 5.19 15.91 7.75
CA VAL E 45 6.51 16.02 8.38
C VAL E 45 6.86 14.79 9.23
N TYR E 46 5.85 14.15 9.81
CA TYR E 46 6.07 12.99 10.69
C TYR E 46 5.52 11.69 10.14
N ASP E 47 5.12 11.64 8.89
CA ASP E 47 4.54 10.41 8.42
C ASP E 47 5.57 9.24 8.30
N ASN E 48 6.88 9.53 8.35
CA ASN E 48 7.91 8.51 8.50
C ASN E 48 8.69 8.79 9.78
N PRO E 49 8.72 7.84 10.72
CA PRO E 49 9.32 8.07 12.03
C PRO E 49 10.85 8.04 12.09
N ASP E 50 11.50 7.63 10.99
CA ASP E 50 12.96 7.73 10.90
C ASP E 50 13.43 9.16 11.22
N PRO E 51 14.24 9.31 12.27
CA PRO E 51 14.70 10.64 12.66
C PRO E 51 15.37 11.44 11.55
N ALA E 52 16.16 10.77 10.71
CA ALA E 52 16.84 11.45 9.60
C ALA E 52 15.82 12.08 8.62
N VAL E 53 14.70 11.40 8.42
CA VAL E 53 13.66 11.85 7.50
C VAL E 53 12.85 13.00 8.10
N ILE E 54 12.50 12.87 9.37
CA ILE E 54 11.82 13.93 10.09
C ILE E 54 12.65 15.22 10.02
N LYS E 55 13.95 15.07 10.23
CA LYS E 55 14.87 16.20 10.18
C LYS E 55 14.89 16.85 8.79
N GLU E 56 15.03 16.07 7.73
CA GLU E 56 15.01 16.65 6.37
C GLU E 56 13.73 17.43 6.11
N ARG E 57 12.62 16.81 6.48
CA ARG E 57 11.31 17.39 6.18
C ARG E 57 11.05 18.63 7.00
N SER E 58 11.50 18.62 8.24
CA SER E 58 11.40 19.80 9.08
C SER E 58 12.19 20.95 8.51
N MET E 59 13.44 20.68 8.14
CA MET E 59 14.29 21.72 7.56
C MET E 59 13.67 22.27 6.29
N LYS E 60 13.05 21.40 5.50
CA LYS E 60 12.36 21.82 4.26
C LYS E 60 11.19 22.75 4.60
N MET E 61 10.48 22.43 5.68
CA MET E 61 9.33 23.23 6.11
C MET E 61 9.77 24.65 6.53
N CYS E 62 10.91 24.74 7.21
CA CYS E 62 11.47 26.05 7.58
C CYS E 62 11.51 27.00 6.39
N THR E 63 11.94 26.51 5.23
CA THR E 63 12.07 27.35 4.02
C THR E 63 10.72 27.81 3.49
N LYS E 64 9.65 27.07 3.82
CA LYS E 64 8.31 27.35 3.30
C LYS E 64 7.53 28.37 4.13
N ILE E 65 7.63 28.28 5.46
CA ILE E 65 6.86 29.15 6.37
C ILE E 65 7.65 30.34 6.97
N ILE E 66 8.87 30.56 6.49
CA ILE E 66 9.73 31.68 6.92
C ILE E 66 10.45 32.28 5.71
N THR E 67 10.53 33.61 5.64
CA THR E 67 11.13 34.30 4.49
C THR E 67 12.53 34.86 4.73
N ASP E 68 12.78 35.39 5.92
CA ASP E 68 14.10 35.95 6.26
C ASP E 68 15.15 34.84 6.24
N PRO E 69 16.19 34.97 5.41
CA PRO E 69 17.21 33.92 5.33
C PRO E 69 17.89 33.59 6.67
N ALA E 70 18.15 34.62 7.47
CA ALA E 70 18.79 34.44 8.77
C ALA E 70 17.93 33.57 9.69
N ASN E 71 16.63 33.92 9.75
CA ASN E 71 15.65 33.15 10.51
C ASN E 71 15.39 31.76 9.92
N VAL E 72 15.49 31.64 8.61
CA VAL E 72 15.37 30.35 7.97
C VAL E 72 16.47 29.41 8.46
N GLU E 73 17.69 29.92 8.55
CA GLU E 73 18.82 29.12 9.02
C GLU E 73 18.69 28.79 10.51
N ASN E 74 18.22 29.74 11.31
CA ASN E 74 17.99 29.49 12.75
C ASN E 74 16.99 28.36 12.97
N CYS E 75 15.89 28.42 12.22
CA CYS E 75 14.86 27.37 12.23
C CYS E 75 15.45 26.00 11.90
N LYS E 76 16.32 25.97 10.89
CA LYS E 76 16.95 24.73 10.49
C LYS E 76 17.87 24.19 11.59
N LYS E 77 18.67 25.08 12.17
CA LYS E 77 19.58 24.71 13.26
C LYS E 77 18.78 24.15 14.45
N VAL E 78 17.65 24.78 14.76
CA VAL E 78 16.79 24.36 15.87
C VAL E 78 16.06 23.04 15.58
N ALA E 79 15.56 22.89 14.36
CA ALA E 79 14.91 21.65 13.96
C ALA E 79 15.85 20.46 14.16
N SER E 80 17.09 20.63 13.71
CA SER E 80 18.08 19.58 13.82
C SER E 80 18.34 19.19 15.26
N ARG E 81 18.57 20.21 16.07
CA ARG E 81 18.81 20.01 17.48
C ARG E 81 17.63 19.31 18.17
N CYS E 82 16.42 19.79 17.91
CA CYS E 82 15.22 19.22 18.54
C CYS E 82 14.96 17.76 18.13
N VAL E 83 15.13 17.45 16.85
CA VAL E 83 14.95 16.08 16.38
C VAL E 83 15.99 15.15 17.03
N ASP E 84 17.24 15.61 17.09
CA ASP E 84 18.32 14.81 17.69
C ASP E 84 18.03 14.46 19.15
N ARG E 85 17.46 15.39 19.92
CA ARG E 85 17.28 15.20 21.35
C ARG E 85 15.97 14.48 21.63
N GLU E 86 14.91 14.91 20.98
CA GLU E 86 13.58 14.44 21.32
C GLU E 86 13.16 13.12 20.64
N THR E 87 13.95 12.62 19.70
CA THR E 87 13.68 11.28 19.12
C THR E 87 14.46 10.17 19.84
N GLN E 88 15.31 10.54 20.81
CA GLN E 88 15.94 9.55 21.68
C GLN E 88 14.90 9.00 22.68
N GLY E 89 15.17 7.81 23.20
CA GLY E 89 14.35 7.23 24.26
C GLY E 89 13.20 6.34 23.78
N PRO E 90 12.41 5.82 24.75
CA PRO E 90 11.40 4.82 24.49
C PRO E 90 9.98 5.36 24.28
N LYS E 91 9.80 6.67 24.29
CA LYS E 91 8.47 7.25 24.07
C LYS E 91 7.96 6.86 22.68
N SER E 92 6.66 6.98 22.49
CA SER E 92 6.04 6.63 21.21
C SER E 92 6.40 7.66 20.15
N ASN E 93 6.32 7.24 18.89
CA ASN E 93 6.63 8.13 17.75
C ASN E 93 5.74 9.40 17.77
N ARG E 94 4.45 9.24 18.08
CA ARG E 94 3.52 10.38 18.12
C ARG E 94 3.94 11.37 19.19
N GLN E 95 4.29 10.85 20.36
CA GLN E 95 4.73 11.69 21.46
C GLN E 95 6.09 12.35 21.18
N LYS E 96 6.96 11.64 20.49
CA LYS E 96 8.25 12.20 20.09
C LYS E 96 8.03 13.40 19.17
N ALA E 97 7.09 13.25 18.25
CA ALA E 97 6.73 14.34 17.32
C ALA E 97 6.23 15.57 18.10
N VAL E 98 5.31 15.34 19.02
CA VAL E 98 4.80 16.42 19.88
C VAL E 98 5.94 17.09 20.65
N ASN E 99 6.86 16.30 21.18
CA ASN E 99 8.01 16.85 21.92
C ASN E 99 8.93 17.69 21.04
N ILE E 100 9.14 17.26 19.79
CA ILE E 100 9.92 18.02 18.83
C ILE E 100 9.30 19.41 18.65
N ILE E 101 8.00 19.43 18.45
CA ILE E 101 7.27 20.67 18.24
C ILE E 101 7.39 21.58 19.47
N GLY E 102 7.25 20.98 20.63
CA GLY E 102 7.36 21.72 21.88
C GLY E 102 8.73 22.34 22.02
N CYS E 103 9.75 21.60 21.57
CA CYS E 103 11.16 22.06 21.63
C CYS E 103 11.38 23.26 20.70
N ALA E 104 10.79 23.20 19.50
CA ALA E 104 10.87 24.30 18.54
C ALA E 104 10.10 25.52 19.01
N LEU E 105 8.94 25.31 19.62
CA LEU E 105 8.11 26.41 20.09
C LEU E 105 8.82 27.14 21.21
N ARG E 106 9.37 26.36 22.13
CA ARG E 106 10.09 26.92 23.25
C ARG E 106 11.27 27.78 22.77
N ALA E 107 11.91 27.34 21.68
CA ALA E 107 13.07 28.02 21.10
C ALA E 107 12.73 29.33 20.38
N GLY E 108 11.45 29.56 20.12
CA GLY E 108 11.01 30.81 19.53
C GLY E 108 10.74 30.80 18.03
N VAL E 109 10.88 29.64 17.40
CA VAL E 109 10.75 29.55 15.95
C VAL E 109 9.40 30.06 15.48
N ALA E 110 8.34 29.81 16.24
CA ALA E 110 6.98 30.16 15.80
C ALA E 110 6.86 31.65 15.56
N GLU E 111 7.54 32.44 16.38
CA GLU E 111 7.51 33.91 16.27
C GLU E 111 8.04 34.43 14.94
N THR E 112 8.99 33.69 14.37
CA THR E 112 9.68 34.11 13.14
C THR E 112 8.95 33.68 11.87
N THR E 113 7.85 32.95 12.01
CA THR E 113 7.13 32.45 10.84
C THR E 113 6.24 33.54 10.25
N VAL E 114 5.88 33.36 8.99
CA VAL E 114 5.02 34.32 8.28
C VAL E 114 3.59 34.26 8.83
N LEU E 115 3.20 33.08 9.33
CA LEU E 115 1.88 32.90 9.93
C LEU E 115 1.68 33.82 11.12
N ALA E 116 2.75 34.02 11.89
CA ALA E 116 2.71 34.84 13.10
C ALA E 116 2.84 36.33 12.79
N ARG E 117 3.66 36.65 11.81
CA ARG E 117 3.93 38.05 11.49
C ARG E 117 2.76 38.65 10.71
N LYS E 118 2.28 37.89 9.72
CA LYS E 118 1.06 38.21 8.98
C LYS E 118 -0.16 37.56 9.66
N LYS E 119 -0.47 38.02 10.87
N ASP F 1 17.34 35.58 41.43
CA ASP F 1 18.20 35.12 42.58
C ASP F 1 18.01 33.63 42.86
N ASN F 2 19.03 33.00 43.45
CA ASN F 2 19.00 31.56 43.76
C ASN F 2 17.73 31.16 44.52
N LYS F 3 17.51 31.81 45.67
CA LYS F 3 16.32 31.59 46.51
N GLU F 4 14.99 32.53 44.71
CA GLU F 4 13.82 32.72 43.84
C GLU F 4 13.66 31.59 42.83
N LEU F 5 14.78 31.08 42.32
CA LEU F 5 14.80 29.97 41.36
C LEU F 5 14.48 28.63 42.04
N LYS F 6 15.02 28.44 43.24
CA LYS F 6 14.68 27.26 44.05
C LYS F 6 13.15 27.20 44.23
N ILE F 7 12.54 28.35 44.52
CA ILE F 7 11.10 28.41 44.79
C ILE F 7 10.30 28.09 43.54
N ILE F 8 10.67 28.71 42.42
CA ILE F 8 9.98 28.50 41.14
C ILE F 8 10.08 27.05 40.67
N ARG F 9 11.25 26.45 40.79
CA ARG F 9 11.42 25.03 40.47
C ARG F 9 10.46 24.13 41.22
N LYS F 10 10.32 24.39 42.53
CA LYS F 10 9.38 23.67 43.39
C LYS F 10 7.93 23.89 42.92
N ASP F 11 7.64 25.11 42.46
CA ASP F 11 6.30 25.43 41.96
C ASP F 11 6.00 24.77 40.60
N VAL F 12 6.99 24.73 39.72
CA VAL F 12 6.86 24.00 38.46
C VAL F 12 6.57 22.52 38.71
N ALA F 13 7.37 21.88 39.55
CA ALA F 13 7.19 20.47 39.89
C ALA F 13 5.78 20.19 40.41
N GLU F 14 5.27 21.10 41.23
CA GLU F 14 3.96 20.95 41.86
C GLU F 14 2.82 21.21 40.85
N CYS F 15 3.02 22.20 39.99
CA CYS F 15 2.10 22.44 38.89
C CYS F 15 2.04 21.22 37.97
N LEU F 16 3.21 20.69 37.63
CA LEU F 16 3.31 19.45 36.84
C LEU F 16 2.42 18.35 37.41
N ARG F 17 2.40 18.25 38.72
CA ARG F 17 1.67 17.20 39.41
C ARG F 17 0.17 17.46 39.40
N THR F 18 -0.23 18.65 39.84
CA THR F 18 -1.67 18.95 40.04
C THR F 18 -2.45 19.26 38.76
N LEU F 19 -1.76 19.73 37.73
CA LEU F 19 -2.42 20.09 36.45
C LEU F 19 -2.96 18.85 35.73
N PRO F 20 -4.19 18.96 35.18
CA PRO F 20 -4.80 17.83 34.47
C PRO F 20 -3.94 17.34 33.34
N LYS F 21 -3.75 16.03 33.25
CA LYS F 21 -3.10 15.51 32.07
C LYS F 21 -4.15 15.68 30.97
N CYS F 22 -3.70 16.30 29.88
CA CYS F 22 -4.49 16.43 28.66
C CYS F 22 -3.70 15.93 27.46
N GLY F 23 -4.42 15.58 26.41
CA GLY F 23 -3.83 14.95 25.24
C GLY F 23 -2.84 15.87 24.53
N ASN F 24 -1.84 15.26 23.91
CA ASN F 24 -0.87 15.97 23.07
C ASN F 24 -0.17 17.09 23.80
N GLN F 25 0.60 16.70 24.82
CA GLN F 25 1.40 17.67 25.57
C GLN F 25 2.85 17.24 25.62
N PRO F 26 3.77 18.20 25.49
CA PRO F 26 5.19 17.86 25.55
C PRO F 26 5.57 17.36 26.93
N ASP F 27 6.54 16.46 26.98
CA ASP F 27 7.08 15.98 28.24
C ASP F 27 7.81 17.09 29.00
N ASP F 28 8.38 18.04 28.26
CA ASP F 28 9.12 19.13 28.84
C ASP F 28 8.18 20.20 29.45
N PRO F 29 8.19 20.32 30.80
CA PRO F 29 7.24 21.22 31.44
C PRO F 29 7.43 22.67 31.06
N LEU F 30 8.67 23.04 30.75
CA LEU F 30 8.98 24.42 30.38
C LEU F 30 8.54 24.74 28.95
N ALA F 31 8.07 23.72 28.23
CA ALA F 31 7.45 23.90 26.92
C ALA F 31 5.93 24.02 27.01
N ARG F 32 5.38 24.02 28.23
CA ARG F 32 3.93 24.02 28.43
C ARG F 32 3.38 25.33 28.95
N VAL F 33 2.38 25.86 28.26
CA VAL F 33 1.77 27.12 28.66
C VAL F 33 1.13 27.01 30.04
N ASP F 34 0.38 25.93 30.26
CA ASP F 34 -0.36 25.74 31.50
C ASP F 34 0.59 25.66 32.71
N VAL F 35 1.75 25.06 32.52
CA VAL F 35 2.76 24.98 33.60
C VAL F 35 3.35 26.33 33.91
N TRP F 36 3.75 27.07 32.88
CA TRP F 36 4.31 28.41 33.06
C TRP F 36 3.32 29.31 33.75
N HIS F 37 2.09 29.34 33.24
CA HIS F 37 1.04 30.17 33.81
C HIS F 37 0.77 29.81 35.24
N CYS F 38 0.68 28.51 35.50
CA CYS F 38 0.48 28.01 36.85
C CYS F 38 1.61 28.48 37.76
N ALA F 39 2.85 28.33 37.29
CA ALA F 39 4.04 28.74 38.05
C ALA F 39 4.06 30.23 38.32
N MET F 40 3.81 31.03 37.29
CA MET F 40 3.82 32.49 37.42
C MET F 40 2.67 33.00 38.30
N ALA F 41 1.51 32.36 38.18
CA ALA F 41 0.36 32.67 39.05
C ALA F 41 0.72 32.53 40.53
N LYS F 42 1.43 31.48 40.87
CA LYS F 42 1.86 31.22 42.27
C LYS F 42 2.85 32.25 42.76
N ARG F 43 3.64 32.83 41.87
CA ARG F 43 4.55 33.92 42.24
C ARG F 43 3.84 35.28 42.26
N GLY F 44 2.51 35.26 42.16
CA GLY F 44 1.70 36.47 42.33
C GLY F 44 1.65 37.41 41.13
N VAL F 45 2.24 37.01 40.00
CA VAL F 45 2.33 37.91 38.84
C VAL F 45 0.94 38.40 38.38
N TYR F 46 -0.09 37.56 38.56
CA TYR F 46 -1.45 37.90 38.12
C TYR F 46 -2.44 38.12 39.26
N ASP F 47 -1.97 38.19 40.49
CA ASP F 47 -2.87 38.43 41.61
C ASP F 47 -3.73 39.70 41.43
N ASN F 48 -3.21 40.71 40.74
CA ASN F 48 -3.95 41.94 40.49
C ASN F 48 -4.12 42.08 38.99
N PRO F 49 -5.38 42.14 38.51
CA PRO F 49 -5.65 42.12 37.06
C PRO F 49 -5.38 43.43 36.31
N ASP F 50 -5.10 44.51 37.03
CA ASP F 50 -4.68 45.76 36.41
C ASP F 50 -3.50 45.50 35.46
N PRO F 51 -3.66 45.79 34.15
CA PRO F 51 -2.60 45.54 33.19
C PRO F 51 -1.26 46.19 33.54
N ALA F 52 -1.30 47.40 34.09
CA ALA F 52 -0.06 48.10 34.46
C ALA F 52 0.72 47.34 35.54
N VAL F 53 -0.01 46.71 36.46
CA VAL F 53 0.59 45.94 37.55
C VAL F 53 1.14 44.60 37.06
N ILE F 54 0.37 43.92 36.22
CA ILE F 54 0.83 42.68 35.60
C ILE F 54 2.14 42.92 34.86
N LYS F 55 2.19 44.02 34.13
CA LYS F 55 3.39 44.40 33.37
C LYS F 55 4.58 44.64 34.31
N GLU F 56 4.37 45.44 35.36
CA GLU F 56 5.40 45.71 36.40
C GLU F 56 6.00 44.41 36.93
N ARG F 57 5.12 43.50 37.30
CA ARG F 57 5.50 42.25 37.95
C ARG F 57 6.15 41.27 37.01
N SER F 58 5.66 41.24 35.78
CA SER F 58 6.29 40.40 34.75
C SER F 58 7.72 40.85 34.48
N MET F 59 7.91 42.15 34.29
CA MET F 59 9.25 42.68 34.03
C MET F 59 10.19 42.39 35.19
N LYS F 60 9.65 42.44 36.41
CA LYS F 60 10.42 42.10 37.62
C LYS F 60 10.83 40.62 37.60
N MET F 61 9.92 39.78 37.14
CA MET F 61 10.19 38.35 37.06
C MET F 61 11.32 38.04 36.05
N CYS F 62 11.33 38.76 34.94
CA CYS F 62 12.39 38.61 33.94
C CYS F 62 13.79 38.68 34.60
N THR F 63 13.97 39.62 35.53
CA THR F 63 15.27 39.82 36.18
C THR F 63 15.63 38.65 37.09
N LYS F 64 14.62 37.92 37.55
CA LYS F 64 14.83 36.84 38.52
C LYS F 64 15.17 35.50 37.88
N ILE F 65 14.51 35.17 36.77
CA ILE F 65 14.71 33.86 36.10
C ILE F 65 15.63 33.88 34.86
N ILE F 66 16.28 35.01 34.61
CA ILE F 66 17.23 35.18 33.49
C ILE F 66 18.44 35.97 33.97
N THR F 67 19.63 35.55 33.55
CA THR F 67 20.89 36.20 34.00
C THR F 67 21.54 37.12 32.97
N ASP F 68 21.52 36.73 31.69
CA ASP F 68 22.12 37.53 30.62
C ASP F 68 21.38 38.86 30.51
N PRO F 69 22.09 39.98 30.67
CA PRO F 69 21.41 41.29 30.59
C PRO F 69 20.67 41.55 29.28
N ALA F 70 21.24 41.11 28.17
CA ALA F 70 20.63 41.30 26.84
C ALA F 70 19.28 40.56 26.79
N ASN F 71 19.29 39.31 27.22
CA ASN F 71 18.07 38.50 27.29
C ASN F 71 17.08 38.97 28.34
N VAL F 72 17.60 39.56 29.42
CA VAL F 72 16.74 40.16 30.42
C VAL F 72 15.93 41.31 29.80
N GLU F 73 16.59 42.14 29.00
CA GLU F 73 15.92 43.25 28.33
C GLU F 73 14.92 42.76 27.28
N ASN F 74 15.29 41.73 26.53
CA ASN F 74 14.37 41.14 25.54
C ASN F 74 13.09 40.64 26.19
N CYS F 75 13.25 39.92 27.29
CA CYS F 75 12.13 39.43 28.11
C CYS F 75 11.22 40.57 28.55
N LYS F 76 11.82 41.68 28.98
CA LYS F 76 11.06 42.84 29.41
C LYS F 76 10.28 43.45 28.24
N LYS F 77 10.95 43.61 27.11
CA LYS F 77 10.32 44.16 25.90
C LYS F 77 9.13 43.28 25.48
N VAL F 78 9.31 41.97 25.54
CA VAL F 78 8.26 41.02 25.17
C VAL F 78 7.10 40.99 26.17
N ALA F 79 7.43 41.02 27.46
CA ALA F 79 6.39 41.07 28.49
C ALA F 79 5.46 42.26 28.28
N SER F 80 6.07 43.41 28.00
CA SER F 80 5.31 44.65 27.79
C SER F 80 4.37 44.53 26.62
N ARG F 81 4.93 44.07 25.52
CA ARG F 81 4.17 43.86 24.28
C ARG F 81 3.01 42.88 24.51
N CYS F 82 3.28 41.74 25.14
CA CYS F 82 2.26 40.72 25.36
C CYS F 82 1.14 41.20 26.28
N VAL F 83 1.49 41.89 27.36
CA VAL F 83 0.48 42.43 28.26
C VAL F 83 -0.41 43.44 27.55
N ASP F 84 0.21 44.33 26.77
CA ASP F 84 -0.52 45.35 26.02
C ASP F 84 -1.56 44.75 25.07
N ARG F 85 -1.19 43.67 24.40
CA ARG F 85 -2.02 43.05 23.37
C ARG F 85 -3.08 42.17 24.02
N GLU F 86 -2.63 41.28 24.90
CA GLU F 86 -3.47 40.19 25.39
C GLU F 86 -4.39 40.56 26.54
N THR F 87 -4.24 41.75 27.13
CA THR F 87 -5.20 42.24 28.15
C THR F 87 -6.32 43.09 27.55
N GLN F 88 -6.27 43.33 26.25
CA GLN F 88 -7.40 43.96 25.56
C GLN F 88 -8.53 42.95 25.39
N GLY F 89 -9.74 43.45 25.22
CA GLY F 89 -10.90 42.61 24.92
C GLY F 89 -11.68 42.12 26.12
N PRO F 90 -12.74 41.31 25.86
CA PRO F 90 -13.71 40.91 26.87
C PRO F 90 -13.44 39.55 27.53
N LYS F 91 -12.33 38.90 27.19
CA LYS F 91 -12.01 37.61 27.81
C LYS F 91 -11.81 37.79 29.32
N SER F 92 -11.89 36.69 30.05
CA SER F 92 -11.74 36.73 31.50
C SER F 92 -10.29 37.01 31.88
N ASN F 93 -10.09 37.53 33.08
CA ASN F 93 -8.75 37.84 33.60
C ASN F 93 -7.84 36.60 33.60
N ARG F 94 -8.38 35.45 33.98
CA ARG F 94 -7.58 34.22 34.00
C ARG F 94 -7.11 33.92 32.58
N GLN F 95 -8.05 33.92 31.66
CA GLN F 95 -7.74 33.58 30.29
C GLN F 95 -6.76 34.59 29.67
N LYS F 96 -6.88 35.86 30.07
CA LYS F 96 -5.95 36.89 29.60
C LYS F 96 -4.54 36.55 30.08
N ALA F 97 -4.44 36.11 31.32
CA ALA F 97 -3.15 35.69 31.90
C ALA F 97 -2.54 34.53 31.12
N VAL F 98 -3.35 33.53 30.85
CA VAL F 98 -2.91 32.39 30.04
C VAL F 98 -2.44 32.84 28.65
N ASN F 99 -3.19 33.75 28.04
CA ASN F 99 -2.81 34.28 26.72
C ASN F 99 -1.47 35.05 26.75
N ILE F 100 -1.25 35.81 27.81
CA ILE F 100 0.01 36.52 27.99
C ILE F 100 1.16 35.52 27.99
N ILE F 101 1.00 34.47 28.76
CA ILE F 101 2.03 33.42 28.87
C ILE F 101 2.27 32.77 27.52
N GLY F 102 1.20 32.48 26.82
CA GLY F 102 1.30 31.88 25.49
C GLY F 102 2.06 32.77 24.52
N CYS F 103 1.83 34.07 24.65
CA CYS F 103 2.49 35.08 23.80
C CYS F 103 4.00 35.14 24.08
N ALA F 104 4.36 35.07 25.35
CA ALA F 104 5.77 35.04 25.76
C ALA F 104 6.47 33.75 25.35
N LEU F 105 5.76 32.63 25.47
CA LEU F 105 6.34 31.32 25.11
C LEU F 105 6.60 31.29 23.61
N ARG F 106 5.63 31.73 22.84
CA ARG F 106 5.75 31.77 21.41
C ARG F 106 6.94 32.61 20.99
N ALA F 107 7.19 33.70 21.72
CA ALA F 107 8.30 34.64 21.44
C ALA F 107 9.68 34.11 21.78
N GLY F 108 9.74 33.01 22.50
CA GLY F 108 11.01 32.34 22.79
C GLY F 108 11.62 32.63 24.14
N VAL F 109 10.94 33.40 24.96
CA VAL F 109 11.47 33.81 26.25
C VAL F 109 11.84 32.61 27.14
N ALA F 110 11.07 31.53 27.07
CA ALA F 110 11.31 30.38 27.95
C ALA F 110 12.68 29.79 27.74
N GLU F 111 13.13 29.80 26.49
CA GLU F 111 14.44 29.24 26.12
C GLU F 111 15.60 29.95 26.80
N THR F 112 15.43 31.25 27.06
CA THR F 112 16.49 32.09 27.62
C THR F 112 16.54 32.06 29.14
N THR F 113 15.63 31.34 29.77
CA THR F 113 15.59 31.31 31.23
C THR F 113 16.61 30.33 31.80
N VAL F 114 16.95 30.53 33.06
CA VAL F 114 17.92 29.65 33.73
C VAL F 114 17.32 28.27 33.97
N LEU F 115 16.00 28.20 34.11
CA LEU F 115 15.31 26.94 34.31
C LEU F 115 15.51 26.01 33.12
N ALA F 116 15.56 26.60 31.93
CA ALA F 116 15.72 25.85 30.68
C ALA F 116 17.17 25.49 30.42
N ARG F 117 18.07 26.38 30.85
CA ARG F 117 19.52 26.24 30.57
C ARG F 117 20.24 25.30 31.54
N LYS F 118 19.74 25.22 32.79
CA LYS F 118 20.23 24.26 33.77
C LYS F 118 19.43 22.93 33.79
N LYS F 119 18.69 22.64 32.71
CA LYS F 119 17.89 21.40 32.56
C LYS F 119 16.82 21.15 33.65
N HIS F 120 15.63 21.49 33.49
N ASP G 1 -58.35 4.41 -12.61
CA ASP G 1 -59.26 5.00 -13.62
C ASP G 1 -60.57 5.40 -12.97
N ASN G 2 -61.30 6.29 -13.63
CA ASN G 2 -62.65 6.68 -13.19
C ASN G 2 -63.64 5.52 -13.29
N LYS G 3 -63.60 4.80 -14.41
CA LYS G 3 -64.45 3.63 -14.63
C LYS G 3 -64.35 2.67 -13.45
N GLU G 4 -63.13 2.36 -13.04
CA GLU G 4 -62.93 1.45 -11.92
C GLU G 4 -63.54 2.00 -10.63
N LEU G 5 -63.52 3.32 -10.48
CA LEU G 5 -64.06 3.92 -9.26
C LEU G 5 -65.59 3.83 -9.26
N LYS G 6 -66.19 4.10 -10.43
CA LYS G 6 -67.64 3.93 -10.58
C LYS G 6 -68.04 2.49 -10.21
N ILE G 7 -67.25 1.53 -10.68
CA ILE G 7 -67.54 0.10 -10.43
C ILE G 7 -67.41 -0.23 -8.94
N ILE G 8 -66.31 0.20 -8.33
CA ILE G 8 -66.06 -0.07 -6.91
C ILE G 8 -67.15 0.55 -6.00
N ARG G 9 -67.53 1.78 -6.29
CA ARG G 9 -68.61 2.44 -5.56
C ARG G 9 -69.91 1.62 -5.57
N LYS G 10 -70.25 1.10 -6.73
CA LYS G 10 -71.42 0.23 -6.90
C LYS G 10 -71.24 -1.05 -6.09
N ASP G 11 -70.03 -1.58 -6.04
CA ASP G 11 -69.73 -2.79 -5.25
C ASP G 11 -69.79 -2.54 -3.72
N VAL G 12 -69.28 -1.39 -3.28
CA VAL G 12 -69.39 -1.00 -1.90
C VAL G 12 -70.87 -0.91 -1.48
N ALA G 13 -71.66 -0.17 -2.25
CA ALA G 13 -73.09 -0.02 -1.96
C ALA G 13 -73.80 -1.37 -1.82
N GLU G 14 -73.44 -2.30 -2.69
CA GLU G 14 -74.06 -3.63 -2.73
C GLU G 14 -73.58 -4.50 -1.58
N CYS G 15 -72.29 -4.40 -1.25
CA CYS G 15 -71.76 -5.07 -0.07
C CYS G 15 -72.44 -4.53 1.19
N LEU G 16 -72.57 -3.22 1.29
CA LEU G 16 -73.32 -2.57 2.37
C LEU G 16 -74.68 -3.21 2.59
N ARG G 17 -75.35 -3.52 1.48
CA ARG G 17 -76.68 -4.06 1.52
C ARG G 17 -76.69 -5.52 1.95
N THR G 18 -75.91 -6.35 1.26
CA THR G 18 -75.96 -7.81 1.47
C THR G 18 -75.26 -8.32 2.74
N LEU G 19 -74.27 -7.56 3.24
CA LEU G 19 -73.52 -7.96 4.44
C LEU G 19 -74.38 -7.93 5.70
N PRO G 20 -74.25 -8.96 6.56
CA PRO G 20 -75.05 -9.03 7.78
C PRO G 20 -74.85 -7.82 8.66
N LYS G 21 -75.92 -7.22 9.16
CA LYS G 21 -75.73 -6.14 10.11
C LYS G 21 -75.42 -6.78 11.46
N CYS G 22 -74.25 -6.43 11.96
CA CYS G 22 -73.74 -6.93 13.22
C CYS G 22 -73.52 -5.76 14.18
N GLY G 23 -73.50 -6.07 15.47
CA GLY G 23 -73.44 -5.05 16.51
C GLY G 23 -72.17 -4.24 16.46
N ASN G 24 -72.28 -2.98 16.87
CA ASN G 24 -71.13 -2.09 17.03
C ASN G 24 -70.31 -1.94 15.73
N GLN G 25 -70.96 -1.36 14.73
CA GLN G 25 -70.32 -1.09 13.45
C GLN G 25 -70.47 0.38 13.07
N PRO G 26 -69.42 0.98 12.51
CA PRO G 26 -69.51 2.37 12.11
C PRO G 26 -70.47 2.55 10.95
N ASP G 27 -71.14 3.69 10.91
CA ASP G 27 -72.03 4.02 9.80
C ASP G 27 -71.25 4.19 8.50
N ASP G 28 -70.00 4.61 8.61
CA ASP G 28 -69.15 4.84 7.44
C ASP G 28 -68.64 3.51 6.85
N PRO G 29 -69.12 3.16 5.64
CA PRO G 29 -68.75 1.86 5.08
C PRO G 29 -67.27 1.71 4.83
N LEU G 30 -66.61 2.82 4.53
CA LEU G 30 -65.17 2.80 4.25
C LEU G 30 -64.35 2.63 5.54
N ALA G 31 -65.01 2.67 6.68
CA ALA G 31 -64.37 2.38 7.96
C ALA G 31 -64.56 0.91 8.36
N ARG G 32 -65.17 0.12 7.50
CA ARG G 32 -65.51 -1.28 7.82
C ARG G 32 -64.67 -2.28 7.07
N VAL G 33 -64.07 -3.21 7.81
CA VAL G 33 -63.21 -4.25 7.22
C VAL G 33 -64.01 -5.15 6.31
N ASP G 34 -65.20 -5.57 6.75
CA ASP G 34 -66.03 -6.50 5.98
C ASP G 34 -66.48 -5.90 4.65
N VAL G 35 -66.73 -4.59 4.62
CA VAL G 35 -67.10 -3.91 3.39
C VAL G 35 -65.94 -3.83 2.42
N TRP G 36 -64.77 -3.41 2.91
CA TRP G 36 -63.57 -3.33 2.06
C TRP G 36 -63.22 -4.69 1.49
N HIS G 37 -63.19 -5.70 2.34
CA HIS G 37 -62.89 -7.05 1.91
C HIS G 37 -63.87 -7.55 0.88
N CYS G 38 -65.14 -7.31 1.17
CA CYS G 38 -66.21 -7.68 0.23
C CYS G 38 -65.99 -6.99 -1.11
N ALA G 39 -65.71 -5.69 -1.07
CA ALA G 39 -65.49 -4.89 -2.27
C ALA G 39 -64.28 -5.37 -3.07
N MET G 40 -63.17 -5.59 -2.37
CA MET G 40 -61.93 -6.02 -3.02
C MET G 40 -62.05 -7.46 -3.58
N ALA G 41 -62.77 -8.31 -2.85
CA ALA G 41 -63.06 -9.67 -3.31
C ALA G 41 -63.76 -9.66 -4.67
N LYS G 42 -64.73 -8.78 -4.82
CA LYS G 42 -65.47 -8.65 -6.08
C LYS G 42 -64.62 -8.14 -7.24
N ARG G 43 -63.59 -7.36 -6.94
CA ARG G 43 -62.63 -6.93 -7.98
C ARG G 43 -61.55 -7.98 -8.23
N GLY G 44 -61.74 -9.18 -7.70
CA GLY G 44 -60.87 -10.32 -7.99
C GLY G 44 -59.51 -10.34 -7.30
N VAL G 45 -59.30 -9.42 -6.35
CA VAL G 45 -58.00 -9.32 -5.68
C VAL G 45 -57.59 -10.62 -5.00
N TYR G 46 -58.57 -11.38 -4.51
CA TYR G 46 -58.32 -12.64 -3.78
C TYR G 46 -58.78 -13.91 -4.55
N ASP G 47 -59.04 -13.75 -5.86
CA ASP G 47 -59.39 -14.83 -6.81
C ASP G 47 -58.39 -15.94 -6.97
N ASN G 48 -57.20 -15.70 -6.51
CA ASN G 48 -56.16 -16.72 -6.45
C ASN G 48 -55.43 -16.54 -5.13
N PRO G 49 -55.36 -17.60 -4.31
CA PRO G 49 -54.80 -17.50 -2.96
C PRO G 49 -53.26 -17.45 -2.87
N ASP G 50 -52.57 -17.69 -3.98
CA ASP G 50 -51.13 -17.51 -4.03
C ASP G 50 -50.76 -16.11 -3.51
N PRO G 51 -49.98 -16.02 -2.44
CA PRO G 51 -49.59 -14.73 -1.88
C PRO G 51 -48.96 -13.78 -2.88
N ALA G 52 -48.13 -14.29 -3.78
CA ALA G 52 -47.44 -13.43 -4.78
C ALA G 52 -48.47 -12.76 -5.70
N VAL G 53 -49.54 -13.48 -6.01
CA VAL G 53 -50.62 -12.97 -6.90
C VAL G 53 -51.49 -11.94 -6.17
N ILE G 54 -51.85 -12.25 -4.94
CA ILE G 54 -52.62 -11.32 -4.11
C ILE G 54 -51.84 -10.00 -4.01
N LYS G 55 -50.54 -10.10 -3.79
CA LYS G 55 -49.68 -8.91 -3.67
C LYS G 55 -49.67 -8.10 -4.96
N GLU G 56 -49.44 -8.73 -6.11
CA GLU G 56 -49.47 -7.98 -7.37
C GLU G 56 -50.81 -7.28 -7.55
N ARG G 57 -51.90 -8.00 -7.32
CA ARG G 57 -53.23 -7.45 -7.58
C ARG G 57 -53.58 -6.32 -6.62
N SER G 58 -53.17 -6.46 -5.37
CA SER G 58 -53.35 -5.41 -4.40
C SER G 58 -52.59 -4.14 -4.82
N MET G 59 -51.33 -4.29 -5.19
CA MET G 59 -50.53 -3.15 -5.61
C MET G 59 -51.14 -2.46 -6.83
N LYS G 60 -51.70 -3.27 -7.74
CA LYS G 60 -52.41 -2.75 -8.93
C LYS G 60 -53.63 -1.93 -8.50
N MET G 61 -54.34 -2.41 -7.49
CA MET G 61 -55.53 -1.75 -6.99
C MET G 61 -55.19 -0.37 -6.40
N CYS G 62 -54.06 -0.29 -5.68
CA CYS G 62 -53.59 0.98 -5.13
C CYS G 62 -53.58 2.08 -6.20
N THR G 63 -53.11 1.75 -7.41
CA THR G 63 -53.01 2.74 -8.50
C THR G 63 -54.38 3.20 -9.00
N LYS G 64 -55.40 2.36 -8.80
CA LYS G 64 -56.74 2.63 -9.31
C LYS G 64 -57.57 3.50 -8.37
N ILE G 65 -57.50 3.26 -7.07
CA ILE G 65 -58.34 3.97 -6.09
C ILE G 65 -57.64 5.12 -5.32
N ILE G 66 -56.42 5.44 -5.74
CA ILE G 66 -55.63 6.55 -5.14
C ILE G 66 -54.93 7.32 -6.26
N THR G 67 -54.92 8.66 -6.16
CA THR G 67 -54.35 9.53 -7.21
C THR G 67 -52.97 10.11 -6.87
N ASP G 68 -52.77 10.52 -5.62
CA ASP G 68 -51.50 11.10 -5.18
C ASP G 68 -50.39 10.06 -5.31
N PRO G 69 -49.35 10.33 -6.10
CA PRO G 69 -48.28 9.35 -6.28
C PRO G 69 -47.60 8.91 -4.97
N ALA G 70 -47.41 9.84 -4.05
CA ALA G 70 -46.77 9.55 -2.76
C ALA G 70 -47.62 8.53 -1.98
N ASN G 71 -48.91 8.80 -1.91
CA ASN G 71 -49.87 7.88 -1.26
C ASN G 71 -50.04 6.57 -2.02
N VAL G 72 -49.90 6.62 -3.34
CA VAL G 72 -49.95 5.40 -4.13
C VAL G 72 -48.80 4.47 -3.73
N GLU G 73 -47.62 5.04 -3.56
CA GLU G 73 -46.46 4.25 -3.15
C GLU G 73 -46.61 3.71 -1.72
N ASN G 74 -47.14 4.54 -0.82
CA ASN G 74 -47.36 4.10 0.57
C ASN G 74 -48.32 2.91 0.62
N CYS G 75 -49.39 3.00 -0.13
CA CYS G 75 -50.36 1.90 -0.28
C CYS G 75 -49.68 0.62 -0.75
N LYS G 76 -48.80 0.76 -1.74
CA LYS G 76 -48.09 -0.40 -2.27
C LYS G 76 -47.17 -1.01 -1.21
N LYS G 77 -46.43 -0.15 -0.52
CA LYS G 77 -45.52 -0.60 0.54
C LYS G 77 -46.31 -1.34 1.63
N VAL G 78 -47.48 -0.81 1.98
CA VAL G 78 -48.34 -1.42 3.01
C VAL G 78 -48.98 -2.73 2.55
N ALA G 79 -49.46 -2.76 1.31
CA ALA G 79 -50.03 -3.99 0.75
C ALA G 79 -49.02 -5.12 0.83
N SER G 80 -47.79 -4.83 0.44
CA SER G 80 -46.73 -5.85 0.42
C SER G 80 -46.49 -6.40 1.81
N ARG G 81 -46.34 -5.48 2.75
CA ARG G 81 -46.10 -5.82 4.14
C ARG G 81 -47.26 -6.67 4.69
N CYS G 82 -48.49 -6.23 4.46
CA CYS G 82 -49.67 -6.93 4.99
C CYS G 82 -49.83 -8.33 4.42
N VAL G 83 -49.62 -8.48 3.11
CA VAL G 83 -49.70 -9.79 2.47
C VAL G 83 -48.63 -10.73 3.04
N ASP G 84 -47.42 -10.22 3.17
CA ASP G 84 -46.29 -11.02 3.71
C ASP G 84 -46.58 -11.55 5.10
N ARG G 85 -47.18 -10.71 5.95
CA ARG G 85 -47.46 -11.03 7.35
C ARG G 85 -48.70 -11.90 7.52
N GLU G 86 -49.76 -11.49 6.87
CA GLU G 86 -51.08 -12.09 7.13
C GLU G 86 -51.40 -13.34 6.30
N THR G 87 -50.58 -13.68 5.32
CA THR G 87 -50.75 -14.96 4.58
C THR G 87 -49.92 -16.10 5.17
N GLN G 88 -49.13 -15.80 6.20
CA GLN G 88 -48.45 -16.86 6.97
C GLN G 88 -49.46 -17.57 7.86
N GLY G 89 -49.15 -18.81 8.23
CA GLY G 89 -49.95 -19.56 9.19
C GLY G 89 -51.03 -20.44 8.60
N PRO G 90 -51.81 -21.10 9.47
CA PRO G 90 -52.77 -22.14 9.06
C PRO G 90 -54.21 -21.65 8.88
N LYS G 91 -54.46 -20.35 9.03
CA LYS G 91 -55.82 -19.82 8.86
C LYS G 91 -56.28 -20.06 7.43
N SER G 92 -57.58 -20.00 7.21
CA SER G 92 -58.16 -20.22 5.88
C SER G 92 -57.82 -19.06 4.96
N ASN G 93 -57.85 -19.33 3.65
CA ASN G 93 -57.59 -18.30 2.65
C ASN G 93 -58.55 -17.11 2.79
N ARG G 94 -59.84 -17.39 3.03
CA ARG G 94 -60.82 -16.30 3.22
C ARG G 94 -60.37 -15.43 4.36
N GLN G 95 -60.12 -16.05 5.50
CA GLN G 95 -59.76 -15.31 6.72
C GLN G 95 -58.44 -14.55 6.54
N LYS G 96 -57.50 -15.13 5.80
CA LYS G 96 -56.24 -14.45 5.52
C LYS G 96 -56.51 -13.17 4.74
N ALA G 97 -57.43 -13.25 3.78
CA ALA G 97 -57.84 -12.09 2.98
C ALA G 97 -58.44 -10.98 3.88
N VAL G 98 -59.34 -11.37 4.76
CA VAL G 98 -59.93 -10.43 5.71
C VAL G 98 -58.83 -9.80 6.59
N ASN G 99 -57.89 -10.61 7.05
CA ASN G 99 -56.79 -10.10 7.89
C ASN G 99 -55.89 -9.10 7.13
N ILE G 100 -55.65 -9.36 5.85
CA ILE G 100 -54.89 -8.44 5.00
C ILE G 100 -55.57 -7.08 4.97
N ILE G 101 -56.88 -7.10 4.74
CA ILE G 101 -57.68 -5.88 4.67
C ILE G 101 -57.62 -5.14 6.00
N GLY G 102 -57.76 -5.88 7.08
CA GLY G 102 -57.71 -5.28 8.43
C GLY G 102 -56.37 -4.61 8.68
N CYS G 103 -55.30 -5.23 8.16
CA CYS G 103 -53.94 -4.71 8.31
C CYS G 103 -53.77 -3.39 7.54
N ALA G 104 -54.32 -3.34 6.34
CA ALA G 104 -54.28 -2.12 5.51
C ALA G 104 -55.13 -1.01 6.10
N LEU G 105 -56.29 -1.36 6.64
CA LEU G 105 -57.20 -0.37 7.23
C LEU G 105 -56.55 0.25 8.45
N ARG G 106 -56.00 -0.60 9.30
CA ARG G 106 -55.31 -0.16 10.48
C ARG G 106 -54.17 0.82 10.14
N ALA G 107 -53.50 0.56 9.02
CA ALA G 107 -52.35 1.37 8.55
C ALA G 107 -52.74 2.73 8.00
N GLY G 108 -54.02 2.92 7.72
CA GLY G 108 -54.52 4.22 7.28
C GLY G 108 -54.76 4.37 5.79
N VAL G 109 -54.54 3.31 5.04
CA VAL G 109 -54.66 3.38 3.58
C VAL G 109 -56.03 3.87 3.13
N ALA G 110 -57.08 3.48 3.84
CA ALA G 110 -58.45 3.80 3.41
C ALA G 110 -58.66 5.31 3.33
N GLU G 111 -58.04 6.03 4.26
CA GLU G 111 -58.16 7.50 4.34
C GLU G 111 -57.61 8.20 3.10
N THR G 112 -56.61 7.59 2.46
CA THR G 112 -55.94 8.18 1.31
C THR G 112 -56.61 7.89 -0.02
N THR G 113 -57.66 7.08 0.00
CA THR G 113 -58.34 6.70 -1.24
C THR G 113 -59.29 7.80 -1.71
N VAL G 114 -59.61 7.76 -3.00
CA VAL G 114 -60.51 8.74 -3.59
C VAL G 114 -61.95 8.54 -3.10
N LEU G 115 -62.27 7.29 -2.75
CA LEU G 115 -63.59 6.96 -2.22
C LEU G 115 -63.87 7.72 -0.92
N ALA G 116 -62.84 7.89 -0.11
CA ALA G 116 -62.94 8.55 1.18
C ALA G 116 -62.89 10.06 1.05
N ARG G 117 -62.13 10.57 0.09
CA ARG G 117 -61.95 12.02 -0.03
C ARG G 117 -63.26 12.69 -0.40
N LYS G 118 -63.84 12.27 -1.53
CA LYS G 118 -65.13 12.80 -2.00
C LYS G 118 -65.96 11.73 -2.74
N LYS H 3 -48.52 2.76 32.74
CA LYS H 3 -49.49 2.44 33.78
C LYS H 3 -50.87 2.27 33.16
N GLU H 4 -51.32 3.29 32.42
CA GLU H 4 -52.63 3.26 31.76
C GLU H 4 -52.66 2.26 30.58
N LEU H 5 -51.50 1.80 30.16
CA LEU H 5 -51.39 0.81 29.08
C LEU H 5 -51.69 -0.59 29.58
N LYS H 6 -51.18 -0.93 30.77
CA LYS H 6 -51.51 -2.21 31.41
C LYS H 6 -53.05 -2.35 31.54
N ILE H 7 -53.71 -1.26 31.94
CA ILE H 7 -55.16 -1.27 32.15
C ILE H 7 -55.90 -1.46 30.84
N ILE H 8 -55.51 -0.68 29.82
CA ILE H 8 -56.15 -0.76 28.50
C ILE H 8 -55.99 -2.14 27.85
N ARG H 9 -54.80 -2.72 27.95
CA ARG H 9 -54.57 -4.09 27.46
C ARG H 9 -55.52 -5.09 28.07
N LYS H 10 -55.71 -5.00 29.39
CA LYS H 10 -56.67 -5.86 30.12
C LYS H 10 -58.11 -5.61 29.63
N ASP H 11 -58.43 -4.36 29.32
CA ASP H 11 -59.76 -4.01 28.79
C ASP H 11 -59.99 -4.51 27.35
N VAL H 12 -58.96 -4.43 26.51
CA VAL H 12 -59.03 -4.99 25.16
C VAL H 12 -59.27 -6.49 25.23
N ALA H 13 -58.47 -7.20 26.00
CA ALA H 13 -58.62 -8.65 26.17
C ALA H 13 -60.04 -9.05 26.60
N GLU H 14 -60.61 -8.26 27.50
CA GLU H 14 -61.94 -8.52 28.05
C GLU H 14 -63.04 -8.17 27.04
N CYS H 15 -62.84 -7.08 26.32
CA CYS H 15 -63.74 -6.73 25.21
C CYS H 15 -63.72 -7.83 24.16
N LEU H 16 -62.53 -8.28 23.80
CA LEU H 16 -62.35 -9.41 22.87
C LEU H 16 -63.22 -10.59 23.25
N ARG H 17 -63.28 -10.85 24.56
CA ARG H 17 -63.99 -12.00 25.08
C ARG H 17 -65.51 -11.79 25.04
N THR H 18 -65.98 -10.69 25.61
CA THR H 18 -67.43 -10.44 25.78
C THR H 18 -68.17 -10.01 24.51
N LEU H 19 -67.46 -9.38 23.57
CA LEU H 19 -68.08 -8.90 22.33
C LEU H 19 -68.56 -10.04 21.44
N PRO H 20 -69.77 -9.91 20.86
CA PRO H 20 -70.31 -10.96 20.01
C PRO H 20 -69.43 -11.29 18.83
N LYS H 21 -69.32 -12.59 18.58
CA LYS H 21 -68.68 -13.08 17.39
C LYS H 21 -69.58 -12.61 16.26
N CYS H 22 -69.02 -11.89 15.30
CA CYS H 22 -69.73 -11.62 14.08
C CYS H 22 -68.89 -11.96 12.85
N GLY H 23 -69.57 -12.19 11.74
CA GLY H 23 -68.92 -12.65 10.52
C GLY H 23 -67.93 -11.63 9.97
N ASN H 24 -66.89 -12.13 9.33
CA ASN H 24 -65.92 -11.29 8.61
C ASN H 24 -65.28 -10.24 9.51
N GLN H 25 -64.53 -10.73 10.49
CA GLN H 25 -63.79 -9.84 11.39
C GLN H 25 -62.33 -10.23 11.45
N PRO H 26 -61.43 -9.23 11.47
CA PRO H 26 -60.03 -9.53 11.54
C PRO H 26 -59.66 -10.17 12.87
N ASP H 27 -58.66 -11.05 12.84
CA ASP H 27 -58.16 -11.67 14.05
C ASP H 27 -57.49 -10.65 14.97
N ASP H 28 -56.93 -9.60 14.38
CA ASP H 28 -56.25 -8.56 15.12
C ASP H 28 -57.25 -7.62 15.82
N PRO H 29 -57.30 -7.66 17.17
CA PRO H 29 -58.30 -6.87 17.87
C PRO H 29 -58.14 -5.38 17.66
N LEU H 30 -56.91 -4.93 17.47
CA LEU H 30 -56.64 -3.51 17.28
C LEU H 30 -57.04 -3.03 15.89
N ALA H 31 -57.46 -3.97 15.05
CA ALA H 31 -58.02 -3.64 13.73
C ALA H 31 -59.54 -3.57 13.77
N ARG H 32 -60.13 -3.74 14.95
CA ARG H 32 -61.58 -3.82 15.09
C ARG H 32 -62.19 -2.60 15.75
N VAL H 33 -63.19 -2.01 15.10
CA VAL H 33 -63.86 -0.83 15.64
C VAL H 33 -64.56 -1.14 16.96
N ASP H 34 -65.26 -2.27 17.00
CA ASP H 34 -66.05 -2.62 18.19
C ASP H 34 -65.14 -2.82 19.41
N VAL H 35 -63.94 -3.36 19.20
CA VAL H 35 -62.98 -3.54 20.29
C VAL H 35 -62.44 -2.22 20.80
N TRP H 36 -62.03 -1.35 19.89
CA TRP H 36 -61.52 -0.03 20.25
C TRP H 36 -62.58 0.78 21.00
N HIS H 37 -63.78 0.81 20.45
CA HIS H 37 -64.88 1.53 21.08
C HIS H 37 -65.18 0.99 22.45
N CYS H 38 -65.24 -0.34 22.53
CA CYS H 38 -65.46 -1.01 23.80
C CYS H 38 -64.40 -0.61 24.81
N ALA H 39 -63.14 -0.65 24.37
CA ALA H 39 -61.98 -0.32 25.22
C ALA H 39 -62.02 1.13 25.69
N MET H 40 -62.27 2.03 24.75
CA MET H 40 -62.31 3.48 25.05
C MET H 40 -63.50 3.83 25.95
N ALA H 41 -64.64 3.17 25.70
CA ALA H 41 -65.83 3.33 26.55
C ALA H 41 -65.52 3.03 28.02
N LYS H 42 -64.77 1.96 28.25
CA LYS H 42 -64.39 1.55 29.62
C LYS H 42 -63.45 2.55 30.29
N ARG H 43 -62.65 3.26 29.50
CA ARG H 43 -61.79 4.33 30.04
C ARG H 43 -62.56 5.65 30.19
N GLY H 44 -63.88 5.61 30.05
CA GLY H 44 -64.73 6.75 30.32
C GLY H 44 -64.77 7.84 29.25
N VAL H 45 -64.14 7.59 28.11
CA VAL H 45 -64.04 8.62 27.06
C VAL H 45 -65.42 9.13 26.61
N TYR H 46 -66.43 8.25 26.65
CA TYR H 46 -67.79 8.59 26.20
C TYR H 46 -68.82 8.66 27.32
N ASP H 47 -68.38 8.65 28.58
CA ASP H 47 -69.28 8.73 29.77
C ASP H 47 -70.18 9.98 29.77
N ASN H 48 -69.72 11.03 29.10
CA ASN H 48 -70.51 12.23 28.95
C ASN H 48 -70.63 12.55 27.47
N PRO H 49 -71.86 12.65 26.96
CA PRO H 49 -72.09 12.79 25.51
C PRO H 49 -71.84 14.19 24.93
N ASP H 50 -71.63 15.18 25.80
CA ASP H 50 -71.22 16.52 25.33
C ASP H 50 -69.99 16.41 24.42
N PRO H 51 -70.13 16.85 23.15
CA PRO H 51 -69.02 16.75 22.20
C PRO H 51 -67.71 17.38 22.69
N ALA H 52 -67.80 18.51 23.39
CA ALA H 52 -66.62 19.20 23.89
C ALA H 52 -65.86 18.34 24.88
N VAL H 53 -66.59 17.57 25.68
CA VAL H 53 -66.01 16.69 26.70
C VAL H 53 -65.39 15.45 26.08
N ILE H 54 -66.11 14.85 25.14
CA ILE H 54 -65.59 13.71 24.38
C ILE H 54 -64.26 14.09 23.74
N LYS H 55 -64.23 15.28 23.13
CA LYS H 55 -63.01 15.78 22.48
C LYS H 55 -61.86 15.93 23.49
N GLU H 56 -62.12 16.62 24.61
CA GLU H 56 -61.18 16.77 25.74
C GLU H 56 -60.54 15.45 26.15
N ARG H 57 -61.40 14.45 26.33
CA ARG H 57 -60.99 13.14 26.84
C ARG H 57 -60.27 12.30 25.81
N SER H 58 -60.71 12.40 24.56
CA SER H 58 -60.03 11.73 23.47
C SER H 58 -58.60 12.25 23.31
N MET H 59 -58.45 13.58 23.29
CA MET H 59 -57.12 14.16 23.15
C MET H 59 -56.22 13.74 24.31
N LYS H 60 -56.79 13.63 25.51
CA LYS H 60 -56.05 13.18 26.69
C LYS H 60 -55.59 11.74 26.49
N MET H 61 -56.45 10.92 25.90
CA MET H 61 -56.14 9.52 25.66
C MET H 61 -54.98 9.38 24.67
N CYS H 62 -54.94 10.22 23.65
CA CYS H 62 -53.83 10.23 22.69
C CYS H 62 -52.47 10.26 23.41
N THR H 63 -52.35 11.09 24.45
CA THR H 63 -51.07 11.25 25.17
C THR H 63 -50.71 9.98 25.95
N LYS H 64 -51.71 9.16 26.28
CA LYS H 64 -51.50 7.98 27.12
C LYS H 64 -51.09 6.74 26.33
N ILE H 65 -51.70 6.53 25.17
CA ILE H 65 -51.44 5.34 24.35
C ILE H 65 -50.49 5.53 23.15
N ILE H 66 -49.86 6.70 23.06
CA ILE H 66 -48.87 7.02 22.01
C ILE H 66 -47.71 7.79 22.63
N THR H 67 -46.47 7.47 22.22
CA THR H 67 -45.27 8.08 22.79
C THR H 67 -44.62 9.15 21.90
N ASP H 68 -44.59 8.90 20.59
CA ASP H 68 -43.97 9.86 19.65
C ASP H 68 -44.75 11.17 19.66
N PRO H 69 -44.09 12.29 19.99
CA PRO H 69 -44.80 13.57 20.06
C PRO H 69 -45.51 13.97 18.75
N ALA H 70 -44.86 13.68 17.62
CA ALA H 70 -45.44 14.00 16.31
C ALA H 70 -46.76 13.26 16.09
N ASN H 71 -46.73 11.96 16.38
CA ASN H 71 -47.91 11.09 16.31
C ASN H 71 -48.96 11.43 17.37
N VAL H 72 -48.50 11.89 18.53
CA VAL H 72 -49.42 12.34 19.56
C VAL H 72 -50.25 13.52 19.04
N GLU H 73 -49.58 14.46 18.39
CA GLU H 73 -50.27 15.63 17.84
C GLU H 73 -51.22 15.24 16.70
N ASN H 74 -50.78 14.32 15.83
CA ASN H 74 -51.64 13.84 14.75
C ASN H 74 -52.92 13.22 15.29
N CYS H 75 -52.77 12.38 16.30
CA CYS H 75 -53.92 11.77 17.00
C CYS H 75 -54.89 12.81 17.53
N LYS H 76 -54.34 13.86 18.12
CA LYS H 76 -55.15 14.95 18.66
C LYS H 76 -55.91 15.68 17.55
N LYS H 77 -55.20 16.00 16.48
CA LYS H 77 -55.80 16.66 15.32
C LYS H 77 -56.95 15.81 14.74
N VAL H 78 -56.73 14.51 14.66
CA VAL H 78 -57.73 13.57 14.13
C VAL H 78 -58.92 13.38 15.07
N ALA H 79 -58.64 13.28 16.36
CA ALA H 79 -59.72 13.17 17.35
C ALA H 79 -60.67 14.36 17.24
N SER H 80 -60.10 15.54 17.14
CA SER H 80 -60.89 16.76 17.06
C SER H 80 -61.79 16.75 15.84
N ARG H 81 -61.18 16.46 14.70
CA ARG H 81 -61.87 16.39 13.43
C ARG H 81 -63.01 15.35 13.49
N CYS H 82 -62.72 14.15 13.99
CA CYS H 82 -63.72 13.08 14.04
C CYS H 82 -64.89 13.40 14.97
N VAL H 83 -64.60 13.97 16.13
CA VAL H 83 -65.66 14.36 17.06
C VAL H 83 -66.56 15.43 16.44
N ASP H 84 -65.95 16.41 15.79
CA ASP H 84 -66.69 17.51 15.15
C ASP H 84 -67.67 16.99 14.11
N ARG H 85 -67.25 15.99 13.36
CA ARG H 85 -68.02 15.51 12.22
C ARG H 85 -69.08 14.52 12.70
N GLU H 86 -68.61 13.54 13.46
CA GLU H 86 -69.43 12.38 13.78
C GLU H 86 -70.40 12.58 14.95
N THR H 87 -70.30 13.69 15.67
CA THR H 87 -71.32 14.02 16.70
C THR H 87 -72.45 14.89 16.16
N GLN H 88 -72.35 15.31 14.90
CA GLN H 88 -73.48 15.99 14.25
C GLN H 88 -74.58 14.96 13.91
N GLY H 89 -75.81 15.45 13.76
CA GLY H 89 -76.91 14.61 13.31
C GLY H 89 -77.73 13.96 14.41
N PRO H 90 -78.73 13.15 14.02
CA PRO H 90 -79.72 12.61 14.93
C PRO H 90 -79.44 11.19 15.43
N LYS H 91 -78.29 10.62 15.06
CA LYS H 91 -77.95 9.27 15.53
C LYS H 91 -77.82 9.27 17.05
N SER H 92 -77.89 8.08 17.64
CA SER H 92 -77.79 7.94 19.10
C SER H 92 -76.36 8.22 19.56
N ASN H 93 -76.22 8.61 20.83
CA ASN H 93 -74.91 8.88 21.42
C ASN H 93 -73.96 7.68 21.30
N ARG H 94 -74.48 6.48 21.58
CA ARG H 94 -73.64 5.28 21.48
C ARG H 94 -73.12 5.13 20.06
N GLN H 95 -74.01 5.25 19.06
CA GLN H 95 -73.63 5.10 17.66
C GLN H 95 -72.69 6.21 17.21
N LYS H 96 -72.86 7.41 17.75
CA LYS H 96 -71.94 8.51 17.45
C LYS H 96 -70.54 8.15 17.94
N ALA H 97 -70.46 7.56 19.11
CA ALA H 97 -69.18 7.13 19.70
C ALA H 97 -68.51 6.09 18.80
N VAL H 98 -69.27 5.09 18.38
CA VAL H 98 -68.76 4.08 17.46
C VAL H 98 -68.27 4.72 16.17
N ASN H 99 -69.02 5.69 15.65
CA ASN H 99 -68.62 6.37 14.41
C ASN H 99 -67.31 7.17 14.57
N ILE H 100 -67.15 7.81 15.72
CA ILE H 100 -65.91 8.53 16.05
C ILE H 100 -64.72 7.57 15.96
N ILE H 101 -64.86 6.42 16.61
CA ILE H 101 -63.82 5.41 16.63
C ILE H 101 -63.51 4.93 15.21
N GLY H 102 -64.56 4.70 14.43
CA GLY H 102 -64.38 4.26 13.04
C GLY H 102 -63.63 5.29 12.23
N CYS H 103 -63.89 6.56 12.50
CA CYS H 103 -63.24 7.68 11.81
C CYS H 103 -61.74 7.75 12.15
N ALA H 104 -61.42 7.53 13.43
CA ALA H 104 -60.02 7.51 13.88
C ALA H 104 -59.28 6.30 13.34
N LEU H 105 -59.95 5.16 13.30
CA LEU H 105 -59.33 3.92 12.81
C LEU H 105 -59.00 4.07 11.33
N ARG H 106 -59.97 4.57 10.59
CA ARG H 106 -59.79 4.79 9.17
C ARG H 106 -58.60 5.72 8.90
N ALA H 107 -58.43 6.71 9.77
CA ALA H 107 -57.34 7.72 9.64
C ALA H 107 -55.95 7.18 9.95
N GLY H 108 -55.87 6.01 10.56
CA GLY H 108 -54.60 5.34 10.80
C GLY H 108 -54.05 5.48 12.21
N VAL H 109 -54.80 6.13 13.09
CA VAL H 109 -54.31 6.39 14.45
C VAL H 109 -53.93 5.11 15.19
N ALA H 110 -54.66 4.03 14.95
CA ALA H 110 -54.43 2.78 15.69
C ALA H 110 -53.02 2.25 15.47
N GLU H 111 -52.52 2.42 14.25
CA GLU H 111 -51.18 1.97 13.87
C GLU H 111 -50.07 2.63 14.67
N THR H 112 -50.30 3.87 15.08
CA THR H 112 -49.31 4.68 15.79
C THR H 112 -49.30 4.46 17.30
N THR H 113 -50.21 3.64 17.80
CA THR H 113 -50.30 3.42 19.25
C THR H 113 -49.27 2.41 19.73
N VAL H 114 -48.97 2.45 21.02
CA VAL H 114 -48.01 1.54 21.61
C VAL H 114 -48.56 0.12 21.66
N LEU H 115 -49.87 -0.01 21.74
CA LEU H 115 -50.53 -1.31 21.75
C LEU H 115 -50.25 -2.08 20.46
N ALA H 116 -50.20 -1.35 19.34
CA ALA H 116 -49.98 -1.94 18.03
C ALA H 116 -48.51 -2.21 17.78
N ARG H 117 -47.67 -1.35 18.37
CA ARG H 117 -46.26 -1.34 18.05
C ARG H 117 -45.43 -2.29 18.89
N LYS H 118 -46.09 -3.05 19.78
CA LYS H 118 -45.45 -4.20 20.48
C LYS H 118 -45.63 -5.51 19.67
N LYS H 119 -44.68 -6.44 19.84
CA LYS H 119 -44.79 -7.83 19.30
C LYS H 119 -44.87 -7.90 17.78
C20 HP6 I . 63.68 -9.80 -20.50
C21 HP6 I . 63.27 -8.44 -21.14
C22 HP6 I . 63.89 -7.22 -20.42
C23 HP6 I . 62.91 -6.02 -20.38
C24 HP6 I . 62.02 -6.10 -19.14
C25 HP6 I . 61.59 -4.70 -18.66
C26 HP6 I . 61.10 -4.70 -17.20
C20 HP6 J . 60.80 1.48 -3.89
C21 HP6 J . 61.72 2.58 -3.38
C22 HP6 J . 61.22 3.11 -2.03
C23 HP6 J . 60.95 4.60 -2.15
C24 HP6 J . 61.54 5.41 -0.98
C25 HP6 J . 61.27 6.90 -1.20
C26 HP6 J . 61.04 7.22 -2.70
C20 HP6 K . -1.25 -30.23 -35.31
C21 HP6 K . -2.65 -30.22 -34.74
C22 HP6 K . -2.61 -29.68 -33.32
C23 HP6 K . -3.91 -28.94 -32.95
C24 HP6 K . -3.58 -27.89 -31.89
C25 HP6 K . -4.79 -27.45 -31.12
C26 HP6 K . -4.48 -27.50 -29.63
C20 HP6 L . -4.64 -21.90 -16.72
C21 HP6 L . -3.95 -20.95 -15.71
C22 HP6 L . -4.90 -19.92 -15.11
C23 HP6 L . -4.24 -18.57 -14.78
C24 HP6 L . -5.30 -17.48 -14.93
C25 HP6 L . -6.19 -17.42 -13.66
C26 HP6 L . -7.55 -16.70 -13.88
C20 HP6 M . 10.42 22.30 13.83
C21 HP6 M . 9.46 22.03 12.65
C22 HP6 M . 9.28 23.30 11.79
C23 HP6 M . 8.75 24.47 12.64
C24 HP6 M . 8.04 23.99 13.92
C25 HP6 M . 7.29 25.14 14.63
C26 HP6 M . 6.88 24.76 16.07
C20 HP6 N . 7.36 31.68 28.96
C21 HP6 N . 7.71 32.32 30.33
C22 HP6 N . 7.63 33.86 30.31
C23 HP6 N . 7.96 34.47 31.68
C24 HP6 N . 6.76 35.25 32.23
C25 HP6 N . 6.83 36.73 31.85
C26 HP6 N . 6.31 36.93 30.41
C20 HP6 O . -56.14 -3.92 -1.59
C21 HP6 O . -55.56 -2.58 -1.13
C22 HP6 O . -56.68 -1.66 -0.63
C23 HP6 O . -56.88 -1.83 0.87
C24 HP6 O . -57.61 -0.62 1.44
C25 HP6 O . -57.97 -0.87 2.91
C26 HP6 O . -58.80 0.29 3.48
C20 HP6 P . -58.71 3.86 16.64
C21 HP6 P . -57.97 4.49 17.82
C22 HP6 P . -58.89 5.18 18.81
C23 HP6 P . -58.40 6.60 19.09
C24 HP6 P . -58.50 7.03 20.57
C25 HP6 P . -59.10 8.44 20.66
C26 HP6 P . -59.75 8.83 19.30
#